data_8SMO
#
_entry.id   8SMO
#
_cell.length_a   108.275
_cell.length_b   108.275
_cell.length_c   75.866
_cell.angle_alpha   90.000
_cell.angle_beta   90.000
_cell.angle_gamma   120.000
#
_symmetry.space_group_name_H-M   'P 31'
#
loop_
_entity.id
_entity.type
_entity.pdbx_description
1 polymer 'Polyadenylate-binding protein 1'
2 polymer superPAM2
3 non-polymer 'SULFATE ION'
4 water water
#
loop_
_entity_poly.entity_id
_entity_poly.type
_entity_poly.pdbx_seq_one_letter_code
_entity_poly.pdbx_strand_id
1 'polypeptide(L)' GPLGSQEQKQMLGERLFPLIQAMHPTLAGKITGMLLEIDNSELLHMLESPESLRSKVDEAVAVLQAHQAKEAAQKA A,C,E,G,I,K,M,O
2 'polypeptide(L)' SNLNPNAPEFHPGVPWKGLQNI B,D,F,H,J,L,N,P
#
loop_
_chem_comp.id
_chem_comp.type
_chem_comp.name
_chem_comp.formula
SO4 non-polymer 'SULFATE ION' 'O4 S -2'
#
# COMPACT_ATOMS: atom_id res chain seq x y z
N PRO A 2 -7.24 2.52 38.84
CA PRO A 2 -8.62 2.13 38.53
C PRO A 2 -9.49 3.31 38.13
N LEU A 3 -10.63 3.48 38.81
CA LEU A 3 -11.51 4.60 38.52
C LEU A 3 -10.91 5.93 38.93
N GLY A 4 -9.93 5.93 39.85
CA GLY A 4 -9.24 7.16 40.18
C GLY A 4 -8.34 7.65 39.06
N SER A 5 -7.62 6.73 38.42
CA SER A 5 -6.80 7.10 37.27
C SER A 5 -7.67 7.50 36.08
N GLN A 6 -8.87 6.94 35.98
CA GLN A 6 -9.78 7.33 34.91
C GLN A 6 -10.26 8.76 35.10
N GLU A 7 -10.55 9.15 36.35
CA GLU A 7 -10.89 10.53 36.62
C GLU A 7 -9.70 11.45 36.39
N GLN A 8 -8.49 10.97 36.68
CA GLN A 8 -7.29 11.76 36.43
C GLN A 8 -7.09 12.00 34.95
N LYS A 9 -7.38 10.99 34.13
CA LYS A 9 -7.24 11.15 32.68
C LYS A 9 -8.31 12.08 32.11
N GLN A 10 -9.51 12.05 32.69
CA GLN A 10 -10.57 12.95 32.23
C GLN A 10 -10.25 14.40 32.57
N MET A 11 -9.83 14.66 33.81
CA MET A 11 -9.52 16.03 34.22
C MET A 11 -8.32 16.59 33.48
N LEU A 12 -7.33 15.76 33.17
CA LEU A 12 -6.21 16.23 32.37
C LEU A 12 -6.67 16.68 30.99
N GLY A 13 -7.65 15.98 30.42
CA GLY A 13 -8.22 16.42 29.17
C GLY A 13 -9.01 17.70 29.31
N GLU A 14 -9.67 17.89 30.46
CA GLU A 14 -10.42 19.11 30.70
C GLU A 14 -9.49 20.31 30.86
N ARG A 15 -8.26 20.10 31.33
CA ARG A 15 -7.30 21.19 31.41
C ARG A 15 -6.62 21.44 30.08
N LEU A 16 -6.34 20.39 29.33
CA LEU A 16 -5.62 20.53 28.06
C LEU A 16 -6.50 21.08 26.94
N PHE A 17 -7.80 20.75 26.95
CA PHE A 17 -8.66 21.11 25.84
C PHE A 17 -8.76 22.62 25.60
N PRO A 18 -8.99 23.47 26.61
CA PRO A 18 -9.06 24.91 26.31
C PRO A 18 -7.78 25.46 25.73
N LEU A 19 -6.62 25.00 26.20
CA LEU A 19 -5.35 25.48 25.66
C LEU A 19 -5.16 25.01 24.22
N ILE A 20 -5.52 23.76 23.92
CA ILE A 20 -5.40 23.26 22.56
C ILE A 20 -6.45 23.90 21.66
N GLN A 21 -7.65 24.14 22.18
CA GLN A 21 -8.67 24.81 21.38
C GLN A 21 -8.26 26.23 21.04
N ALA A 22 -7.54 26.89 21.93
CA ALA A 22 -7.00 28.21 21.61
C ALA A 22 -5.92 28.11 20.55
N MET A 23 -5.13 27.04 20.56
CA MET A 23 -4.09 26.86 19.57
C MET A 23 -4.67 26.37 18.25
N HIS A 24 -5.28 25.18 18.25
CA HIS A 24 -5.85 24.55 17.05
C HIS A 24 -7.33 24.32 17.30
N PRO A 25 -8.18 25.32 17.03
CA PRO A 25 -9.59 25.18 17.38
C PRO A 25 -10.36 24.14 16.56
N THR A 26 -10.02 23.94 15.28
CA THR A 26 -10.83 23.07 14.45
C THR A 26 -10.67 21.60 14.85
N LEU A 27 -9.44 21.16 15.08
CA LEU A 27 -9.16 19.76 15.41
C LEU A 27 -8.69 19.59 16.86
N ALA A 28 -9.19 20.45 17.75
CA ALA A 28 -8.77 20.40 19.16
C ALA A 28 -9.19 19.10 19.82
N GLY A 29 -10.38 18.60 19.49
CA GLY A 29 -10.86 17.38 20.13
C GLY A 29 -10.02 16.17 19.79
N LYS A 30 -9.54 16.10 18.55
CA LYS A 30 -8.73 14.95 18.14
C LYS A 30 -7.34 15.01 18.75
N ILE A 31 -6.72 16.19 18.78
CA ILE A 31 -5.38 16.32 19.33
C ILE A 31 -5.38 16.00 20.83
N THR A 32 -6.43 16.43 21.53
CA THR A 32 -6.53 16.11 22.96
C THR A 32 -6.67 14.61 23.18
N GLY A 33 -7.42 13.92 22.31
CA GLY A 33 -7.57 12.49 22.45
C GLY A 33 -6.28 11.73 22.19
N MET A 34 -5.49 12.17 21.20
CA MET A 34 -4.21 11.53 20.94
C MET A 34 -3.21 11.81 22.05
N LEU A 35 -3.16 13.07 22.51
CA LEU A 35 -2.23 13.42 23.58
C LEU A 35 -2.58 12.73 24.89
N LEU A 36 -3.87 12.43 25.11
CA LEU A 36 -4.29 11.76 26.33
C LEU A 36 -3.83 10.31 26.39
N GLU A 37 -3.34 9.75 25.28
CA GLU A 37 -2.90 8.36 25.30
C GLU A 37 -1.53 8.20 25.95
N ILE A 38 -0.71 9.23 25.94
CA ILE A 38 0.64 9.14 26.51
C ILE A 38 0.56 9.19 28.03
N ASP A 39 1.70 8.97 28.69
CA ASP A 39 1.74 8.93 30.14
C ASP A 39 1.38 10.29 30.75
N ASN A 40 0.81 10.24 31.96
CA ASN A 40 0.35 11.44 32.65
C ASN A 40 1.49 12.37 33.06
N SER A 41 2.71 11.85 33.23
CA SER A 41 3.82 12.69 33.65
C SER A 41 4.11 13.79 32.63
N GLU A 42 4.08 13.46 31.34
CA GLU A 42 4.28 14.48 30.31
C GLU A 42 3.08 15.42 30.21
N LEU A 43 1.87 14.93 30.48
CA LEU A 43 0.69 15.77 30.40
C LEU A 43 0.73 16.88 31.45
N LEU A 44 1.15 16.56 32.68
CA LEU A 44 1.25 17.59 33.70
C LEU A 44 2.34 18.61 33.37
N HIS A 45 3.40 18.17 32.67
CA HIS A 45 4.46 19.08 32.27
C HIS A 45 3.99 20.02 31.17
N MET A 46 3.14 19.53 30.26
CA MET A 46 2.67 20.36 29.16
C MET A 46 1.77 21.50 29.64
N LEU A 47 1.07 21.32 30.76
CA LEU A 47 0.23 22.38 31.27
C LEU A 47 1.05 23.51 31.90
N GLU A 48 2.23 23.20 32.42
CA GLU A 48 3.07 24.23 33.03
C GLU A 48 3.91 24.96 31.99
N SER A 49 4.33 24.29 30.93
CA SER A 49 5.18 24.89 29.90
C SER A 49 4.40 25.02 28.60
N PRO A 50 4.05 26.24 28.18
CA PRO A 50 3.36 26.40 26.89
C PRO A 50 4.17 25.97 25.69
N GLU A 51 5.50 25.96 25.79
CA GLU A 51 6.31 25.54 24.66
C GLU A 51 6.29 24.03 24.48
N SER A 52 6.28 23.28 25.59
CA SER A 52 6.21 21.82 25.48
C SER A 52 4.86 21.37 24.95
N LEU A 53 3.79 22.06 25.33
CA LEU A 53 2.46 21.76 24.77
C LEU A 53 2.44 22.00 23.28
N ARG A 54 3.07 23.09 22.83
CA ARG A 54 3.11 23.39 21.39
C ARG A 54 3.86 22.32 20.62
N SER A 55 4.93 21.78 21.20
CA SER A 55 5.70 20.76 20.50
C SER A 55 4.89 19.47 20.35
N LYS A 56 4.16 19.08 21.38
CA LYS A 56 3.34 17.88 21.30
C LYS A 56 2.15 18.07 20.38
N VAL A 57 1.56 19.27 20.39
CA VAL A 57 0.43 19.55 19.52
C VAL A 57 0.86 19.59 18.06
N ASP A 58 1.99 20.24 17.77
CA ASP A 58 2.51 20.26 16.41
C ASP A 58 2.87 18.87 15.92
N GLU A 59 3.33 18.00 16.82
CA GLU A 59 3.58 16.61 16.44
C GLU A 59 2.28 15.85 16.21
N ALA A 60 1.23 16.18 16.97
CA ALA A 60 -0.04 15.48 16.81
C ALA A 60 -0.75 15.90 15.53
N VAL A 61 -0.67 17.19 15.17
CA VAL A 61 -1.32 17.65 13.95
C VAL A 61 -0.65 17.04 12.72
N ALA A 62 0.67 16.84 12.78
CA ALA A 62 1.37 16.20 11.66
C ALA A 62 1.02 14.73 11.54
N VAL A 63 0.73 14.07 12.66
CA VAL A 63 0.34 12.67 12.62
C VAL A 63 -1.01 12.50 11.92
N LEU A 64 -1.97 13.38 12.25
CA LEU A 64 -3.26 13.33 11.58
C LEU A 64 -3.14 13.69 10.10
N GLN A 65 -2.24 14.63 9.77
CA GLN A 65 -2.04 15.00 8.37
C GLN A 65 -1.43 13.85 7.58
N ALA A 66 -0.51 13.10 8.20
CA ALA A 66 0.10 11.97 7.50
C ALA A 66 -0.89 10.82 7.34
N HIS A 67 -1.77 10.62 8.32
CA HIS A 67 -2.76 9.56 8.22
C HIS A 67 -3.85 9.90 7.22
N GLN A 68 -4.19 11.18 7.08
CA GLN A 68 -5.18 11.59 6.09
C GLN A 68 -4.68 11.34 4.67
N ALA A 69 -3.38 11.50 4.44
CA ALA A 69 -2.83 11.21 3.11
C ALA A 69 -2.85 9.71 2.83
N LYS A 70 -2.57 8.89 3.84
CA LYS A 70 -2.63 7.45 3.65
C LYS A 70 -4.07 6.99 3.40
N GLU A 71 -5.03 7.58 4.10
CA GLU A 71 -6.43 7.23 3.87
C GLU A 71 -6.92 7.72 2.52
N ALA A 72 -6.39 8.85 2.03
CA ALA A 72 -6.76 9.35 0.72
C ALA A 72 -6.12 8.57 -0.41
N ALA A 73 -4.99 7.89 -0.16
CA ALA A 73 -4.37 7.09 -1.20
C ALA A 73 -5.16 5.83 -1.50
N GLN A 74 -6.00 5.38 -0.57
CA GLN A 74 -6.82 4.19 -0.80
C GLN A 74 -8.07 4.54 -1.61
N LYS A 75 -8.95 5.36 -1.04
CA LYS A 75 -10.18 5.77 -1.72
C LYS A 75 -10.65 7.13 -1.22
N SER B 1 6.43 8.86 22.26
CA SER B 1 6.69 9.49 20.98
C SER B 1 5.75 8.95 19.91
N ASN B 2 5.09 7.85 20.21
CA ASN B 2 4.14 7.22 19.28
C ASN B 2 2.74 7.78 19.54
N LEU B 3 2.17 8.41 18.52
CA LEU B 3 0.82 8.95 18.59
C LEU B 3 -0.09 8.20 17.64
N ASN B 4 -1.31 7.92 18.08
CA ASN B 4 -2.26 7.12 17.32
C ASN B 4 -3.27 8.04 16.65
N PRO B 5 -3.34 8.08 15.32
CA PRO B 5 -4.38 8.90 14.67
C PRO B 5 -5.78 8.39 14.92
N ASN B 6 -5.96 7.10 15.20
CA ASN B 6 -7.25 6.52 15.49
C ASN B 6 -7.63 6.62 16.97
N ALA B 7 -6.91 7.44 17.73
CA ALA B 7 -7.24 7.63 19.14
C ALA B 7 -8.64 8.22 19.27
N PRO B 8 -9.37 7.86 20.33
CA PRO B 8 -10.74 8.37 20.48
C PRO B 8 -10.75 9.87 20.72
N GLU B 9 -11.73 10.54 20.11
CA GLU B 9 -11.85 11.98 20.25
C GLU B 9 -12.25 12.35 21.68
N PHE B 10 -11.72 13.46 22.17
CA PHE B 10 -12.05 13.96 23.49
C PHE B 10 -13.09 15.08 23.37
N HIS B 11 -14.23 14.90 24.03
CA HIS B 11 -15.29 15.90 24.05
C HIS B 11 -15.53 16.31 25.49
N PRO B 12 -15.44 17.60 25.83
CA PRO B 12 -15.67 18.01 27.22
C PRO B 12 -17.07 17.66 27.71
N GLY B 13 -17.17 17.30 28.99
CA GLY B 13 -18.43 17.00 29.62
C GLY B 13 -18.94 15.58 29.42
N VAL B 14 -18.29 14.77 28.59
CA VAL B 14 -18.72 13.39 28.36
C VAL B 14 -17.50 12.49 28.56
N PRO B 15 -17.68 11.30 29.12
CA PRO B 15 -16.52 10.42 29.36
C PRO B 15 -15.79 10.07 28.08
N TRP B 16 -14.46 10.17 28.15
CA TRP B 16 -13.62 9.89 27.00
C TRP B 16 -13.66 8.41 26.67
N LYS B 17 -13.82 8.08 25.38
CA LYS B 17 -13.70 6.70 24.98
C LYS B 17 -12.27 6.23 25.19
N GLY B 18 -12.01 4.96 24.90
CA GLY B 18 -10.75 4.35 25.26
C GLY B 18 -10.29 4.57 26.70
N LEU B 19 -11.20 4.97 27.59
CA LEU B 19 -10.87 5.09 29.01
C LEU B 19 -10.75 3.69 29.60
N GLN B 20 -9.57 3.36 30.11
CA GLN B 20 -9.30 2.02 30.62
C GLN B 20 -9.99 1.78 31.95
N PRO C 2 -4.79 -8.75 -38.29
CA PRO C 2 -5.60 -9.95 -38.56
C PRO C 2 -4.93 -11.23 -38.06
N LEU C 3 -5.14 -12.34 -38.77
CA LEU C 3 -4.51 -13.59 -38.38
C LEU C 3 -3.00 -13.58 -38.61
N GLY C 4 -2.52 -12.74 -39.53
CA GLY C 4 -1.10 -12.70 -39.79
C GLY C 4 -0.29 -12.12 -38.63
N SER C 5 -0.80 -11.05 -38.02
CA SER C 5 -0.12 -10.49 -36.85
C SER C 5 -0.21 -11.42 -35.65
N GLN C 6 -1.30 -12.18 -35.53
CA GLN C 6 -1.40 -13.16 -34.45
C GLN C 6 -0.45 -14.32 -34.68
N GLU C 7 -0.35 -14.80 -35.91
CA GLU C 7 0.60 -15.87 -36.22
C GLU C 7 2.04 -15.38 -36.11
N GLN C 8 2.29 -14.13 -36.49
CA GLN C 8 3.63 -13.57 -36.38
C GLN C 8 4.06 -13.46 -34.92
N LYS C 9 3.13 -13.07 -34.05
CA LYS C 9 3.45 -12.98 -32.63
C LYS C 9 3.64 -14.36 -32.01
N GLN C 10 2.91 -15.36 -32.51
CA GLN C 10 3.07 -16.72 -32.00
C GLN C 10 4.42 -17.30 -32.40
N MET C 11 4.79 -17.17 -33.67
CA MET C 11 6.06 -17.73 -34.12
C MET C 11 7.24 -17.03 -33.48
N LEU C 12 7.14 -15.72 -33.23
CA LEU C 12 8.19 -15.02 -32.51
C LEU C 12 8.34 -15.58 -31.09
N GLY C 13 7.22 -15.93 -30.45
CA GLY C 13 7.31 -16.58 -29.16
C GLY C 13 7.87 -17.98 -29.25
N GLU C 14 7.56 -18.70 -30.35
CA GLU C 14 8.09 -20.04 -30.53
C GLU C 14 9.61 -20.02 -30.78
N ARG C 15 10.12 -18.94 -31.36
CA ARG C 15 11.56 -18.81 -31.53
C ARG C 15 12.25 -18.35 -30.26
N LEU C 16 11.58 -17.47 -29.49
CA LEU C 16 12.18 -16.93 -28.28
C LEU C 16 12.20 -17.93 -27.13
N PHE C 17 11.20 -18.80 -27.05
CA PHE C 17 11.07 -19.69 -25.89
C PHE C 17 12.27 -20.61 -25.69
N PRO C 18 12.76 -21.34 -26.70
CA PRO C 18 13.92 -22.21 -26.44
C PRO C 18 15.15 -21.45 -25.99
N LEU C 19 15.39 -20.26 -26.55
CA LEU C 19 16.54 -19.47 -26.14
C LEU C 19 16.38 -18.97 -24.71
N ILE C 20 15.17 -18.54 -24.33
CA ILE C 20 14.94 -18.09 -22.97
C ILE C 20 14.93 -19.27 -22.01
N GLN C 21 14.41 -20.42 -22.45
CA GLN C 21 14.40 -21.61 -21.60
C GLN C 21 15.82 -22.09 -21.30
N ALA C 22 16.74 -21.91 -22.25
CA ALA C 22 18.13 -22.25 -21.98
C ALA C 22 18.74 -21.31 -20.95
N MET C 23 18.34 -20.03 -20.96
CA MET C 23 18.84 -19.07 -19.99
C MET C 23 18.12 -19.22 -18.66
N HIS C 24 16.80 -19.04 -18.65
CA HIS C 24 15.98 -19.11 -17.43
C HIS C 24 14.96 -20.23 -17.62
N PRO C 25 15.31 -21.47 -17.31
CA PRO C 25 14.38 -22.58 -17.56
C PRO C 25 13.14 -22.58 -16.70
N THR C 26 13.22 -22.12 -15.45
CA THR C 26 12.06 -22.22 -14.57
C THR C 26 10.95 -21.26 -14.98
N LEU C 27 11.31 -20.01 -15.30
CA LEU C 27 10.33 -18.98 -15.64
C LEU C 27 10.34 -18.64 -17.12
N ALA C 28 10.65 -19.62 -17.99
CA ALA C 28 10.73 -19.34 -19.42
C ALA C 28 9.37 -18.96 -19.98
N GLY C 29 8.30 -19.62 -19.53
CA GLY C 29 6.97 -19.31 -20.04
C GLY C 29 6.51 -17.92 -19.67
N LYS C 30 6.82 -17.47 -18.45
CA LYS C 30 6.38 -16.15 -18.01
C LYS C 30 7.18 -15.05 -18.68
N ILE C 31 8.50 -15.22 -18.78
CA ILE C 31 9.34 -14.19 -19.40
C ILE C 31 9.01 -14.05 -20.87
N THR C 32 8.71 -15.17 -21.55
CA THR C 32 8.32 -15.10 -22.95
C THR C 32 7.01 -14.35 -23.13
N GLY C 33 6.06 -14.54 -22.20
CA GLY C 33 4.80 -13.82 -22.30
C GLY C 33 4.95 -12.33 -22.09
N MET C 34 5.81 -11.93 -21.15
CA MET C 34 6.04 -10.51 -20.93
C MET C 34 6.81 -9.90 -22.10
N LEU C 35 7.85 -10.60 -22.58
CA LEU C 35 8.63 -10.09 -23.69
C LEU C 35 7.82 -10.02 -24.97
N LEU C 36 6.82 -10.89 -25.13
CA LEU C 36 5.98 -10.86 -26.31
C LEU C 36 5.08 -9.64 -26.39
N GLU C 37 4.95 -8.87 -25.31
CA GLU C 37 4.09 -7.69 -25.34
C GLU C 37 4.73 -6.52 -26.06
N ILE C 38 6.06 -6.45 -26.11
CA ILE C 38 6.75 -5.32 -26.74
C ILE C 38 6.64 -5.41 -28.25
N ASP C 39 7.13 -4.39 -28.94
CA ASP C 39 7.02 -4.33 -30.39
C ASP C 39 7.80 -5.45 -31.06
N ASN C 40 7.30 -5.89 -32.23
CA ASN C 40 7.92 -6.98 -32.95
C ASN C 40 9.28 -6.61 -33.51
N SER C 41 9.53 -5.33 -33.77
CA SER C 41 10.82 -4.91 -34.30
C SER C 41 11.94 -5.19 -33.31
N GLU C 42 11.69 -4.93 -32.02
CA GLU C 42 12.68 -5.24 -31.00
C GLU C 42 12.80 -6.75 -30.79
N LEU C 43 11.71 -7.49 -30.97
CA LEU C 43 11.75 -8.94 -30.80
C LEU C 43 12.63 -9.61 -31.83
N LEU C 44 12.56 -9.16 -33.09
CA LEU C 44 13.42 -9.73 -34.13
C LEU C 44 14.88 -9.42 -33.89
N HIS C 45 15.18 -8.27 -33.26
CA HIS C 45 16.56 -7.93 -32.96
C HIS C 45 17.12 -8.82 -31.85
N MET C 46 16.28 -9.18 -30.87
CA MET C 46 16.74 -10.01 -29.77
C MET C 46 17.08 -11.42 -30.23
N LEU C 47 16.45 -11.90 -31.30
CA LEU C 47 16.75 -13.24 -31.80
C LEU C 47 18.12 -13.29 -32.49
N GLU C 48 18.57 -12.18 -33.06
CA GLU C 48 19.86 -12.17 -33.73
C GLU C 48 21.01 -11.94 -32.75
N SER C 49 20.85 -10.99 -31.82
CA SER C 49 21.90 -10.67 -30.88
C SER C 49 21.60 -11.30 -29.53
N PRO C 50 22.41 -12.26 -29.06
CA PRO C 50 22.15 -12.87 -27.76
C PRO C 50 22.32 -11.91 -26.58
N GLU C 51 23.08 -10.83 -26.75
CA GLU C 51 23.26 -9.89 -25.65
C GLU C 51 21.99 -9.08 -25.40
N SER C 52 21.32 -8.64 -26.46
CA SER C 52 20.08 -7.89 -26.28
C SER C 52 18.97 -8.77 -25.71
N LEU C 53 18.95 -10.05 -26.05
CA LEU C 53 17.97 -10.96 -25.46
C LEU C 53 18.23 -11.15 -23.97
N ARG C 54 19.50 -11.30 -23.58
CA ARG C 54 19.83 -11.46 -22.18
C ARG C 54 19.46 -10.21 -21.37
N SER C 55 19.65 -9.03 -21.97
CA SER C 55 19.33 -7.79 -21.26
C SER C 55 17.83 -7.64 -21.07
N LYS C 56 17.03 -8.01 -22.08
CA LYS C 56 15.59 -7.91 -21.95
C LYS C 56 15.04 -8.96 -21.00
N VAL C 57 15.63 -10.16 -21.01
CA VAL C 57 15.19 -11.21 -20.09
C VAL C 57 15.54 -10.84 -18.66
N ASP C 58 16.75 -10.32 -18.44
CA ASP C 58 17.14 -9.88 -17.09
C ASP C 58 16.25 -8.74 -16.60
N GLU C 59 15.80 -7.87 -17.51
CA GLU C 59 14.86 -6.84 -17.13
C GLU C 59 13.48 -7.42 -16.83
N ALA C 60 13.08 -8.46 -17.56
CA ALA C 60 11.77 -9.06 -17.33
C ALA C 60 11.74 -9.87 -16.03
N VAL C 61 12.83 -10.56 -15.72
CA VAL C 61 12.87 -11.35 -14.48
C VAL C 61 12.84 -10.43 -13.25
N ALA C 62 13.46 -9.25 -13.35
CA ALA C 62 13.42 -8.32 -12.23
C ALA C 62 12.03 -7.72 -12.05
N VAL C 63 11.28 -7.55 -13.14
CA VAL C 63 9.92 -7.04 -13.03
C VAL C 63 9.03 -8.04 -12.31
N LEU C 64 9.18 -9.32 -12.64
CA LEU C 64 8.40 -10.35 -11.96
C LEU C 64 8.83 -10.48 -10.50
N GLN C 65 10.13 -10.29 -10.22
CA GLN C 65 10.60 -10.37 -8.85
C GLN C 65 10.07 -9.20 -8.02
N ALA C 66 9.97 -8.01 -8.62
CA ALA C 66 9.45 -6.86 -7.90
C ALA C 66 7.96 -6.99 -7.63
N HIS C 67 7.22 -7.59 -8.56
CA HIS C 67 5.78 -7.77 -8.37
C HIS C 67 5.49 -8.85 -7.33
N GLN C 68 6.34 -9.87 -7.25
CA GLN C 68 6.16 -10.91 -6.24
C GLN C 68 6.33 -10.37 -4.83
N ALA C 69 7.24 -9.40 -4.65
CA ALA C 69 7.39 -8.78 -3.33
C ALA C 69 6.19 -7.92 -2.97
N LYS C 70 5.63 -7.21 -3.95
CA LYS C 70 4.43 -6.42 -3.69
C LYS C 70 3.24 -7.31 -3.37
N GLU C 71 3.11 -8.43 -4.09
CA GLU C 71 2.01 -9.36 -3.81
C GLU C 71 2.20 -10.06 -2.47
N ALA C 72 3.44 -10.19 -2.00
CA ALA C 72 3.70 -10.82 -0.72
C ALA C 72 3.43 -9.89 0.46
N ALA C 73 3.48 -8.58 0.24
CA ALA C 73 3.20 -7.65 1.33
C ALA C 73 1.72 -7.66 1.72
N GLN C 74 0.85 -8.02 0.78
CA GLN C 74 -0.58 -8.10 1.10
C GLN C 74 -0.89 -9.36 1.90
N LYS C 75 -0.74 -10.53 1.28
CA LYS C 75 -0.99 -11.80 1.96
C LYS C 75 -0.19 -12.92 1.30
N SER D 1 11.63 -0.90 -21.88
CA SER D 1 10.29 -0.31 -21.96
C SER D 1 9.42 -0.76 -20.79
N ASN D 2 8.11 -0.76 -21.01
CA ASN D 2 7.15 -1.15 -19.99
C ASN D 2 6.86 -2.65 -20.10
N LEU D 3 7.15 -3.39 -19.03
CA LEU D 3 6.89 -4.83 -18.98
C LEU D 3 5.80 -5.11 -17.95
N ASN D 4 4.87 -6.00 -18.31
CA ASN D 4 3.73 -6.31 -17.46
C ASN D 4 3.97 -7.63 -16.74
N PRO D 5 4.03 -7.64 -15.41
CA PRO D 5 4.17 -8.92 -14.70
C PRO D 5 2.95 -9.82 -14.84
N ASN D 6 1.77 -9.25 -15.08
CA ASN D 6 0.55 -10.03 -15.26
C ASN D 6 0.33 -10.45 -16.71
N ALA D 7 1.36 -10.35 -17.56
CA ALA D 7 1.24 -10.77 -18.94
C ALA D 7 0.95 -12.28 -18.99
N PRO D 8 0.18 -12.72 -19.97
CA PRO D 8 -0.17 -14.15 -20.05
C PRO D 8 1.04 -15.00 -20.38
N GLU D 9 1.13 -16.16 -19.74
CA GLU D 9 2.24 -17.07 -19.96
C GLU D 9 2.19 -17.65 -21.38
N PHE D 10 3.37 -17.88 -21.94
CA PHE D 10 3.49 -18.46 -23.28
C PHE D 10 3.76 -19.95 -23.14
N HIS D 11 2.90 -20.76 -23.74
CA HIS D 11 3.04 -22.21 -23.74
C HIS D 11 3.18 -22.68 -25.18
N PRO D 12 4.26 -23.38 -25.55
CA PRO D 12 4.40 -23.84 -26.93
C PRO D 12 3.28 -24.79 -27.30
N GLY D 13 2.83 -24.68 -28.56
CA GLY D 13 1.77 -25.55 -29.03
C GLY D 13 0.37 -25.12 -28.64
N VAL D 14 0.23 -24.06 -27.86
CA VAL D 14 -1.08 -23.60 -27.40
C VAL D 14 -1.21 -22.11 -27.75
N PRO D 15 -2.37 -21.67 -28.22
CA PRO D 15 -2.53 -20.25 -28.56
C PRO D 15 -2.33 -19.35 -27.34
N TRP D 16 -1.55 -18.30 -27.54
CA TRP D 16 -1.23 -17.36 -26.49
C TRP D 16 -2.45 -16.54 -26.11
N LYS D 17 -2.69 -16.39 -24.81
CA LYS D 17 -3.72 -15.45 -24.40
C LYS D 17 -3.23 -14.04 -24.75
N GLY D 18 -3.93 -13.02 -24.29
CA GLY D 18 -3.64 -11.68 -24.74
C GLY D 18 -3.37 -11.50 -26.23
N LEU D 19 -3.67 -12.51 -27.04
CA LEU D 19 -3.55 -12.38 -28.49
C LEU D 19 -4.71 -11.55 -29.02
N GLN D 20 -4.41 -10.75 -30.04
CA GLN D 20 -5.38 -9.78 -30.54
C GLN D 20 -6.23 -10.37 -31.67
N PRO E 2 22.20 -14.26 7.79
CA PRO E 2 21.84 -13.66 6.51
C PRO E 2 20.44 -14.08 6.04
N LEU E 3 20.16 -13.91 4.75
CA LEU E 3 18.88 -14.33 4.21
C LEU E 3 18.74 -15.85 4.26
N GLY E 4 19.86 -16.58 4.21
CA GLY E 4 19.80 -18.02 4.37
C GLY E 4 19.32 -18.43 5.77
N SER E 5 19.82 -17.74 6.80
CA SER E 5 19.34 -18.01 8.15
C SER E 5 17.90 -17.57 8.34
N GLN E 6 17.48 -16.51 7.64
CA GLN E 6 16.08 -16.09 7.70
C GLN E 6 15.17 -17.08 6.98
N GLU E 7 15.59 -17.57 5.81
CA GLU E 7 14.78 -18.56 5.09
C GLU E 7 14.72 -19.90 5.83
N GLN E 8 15.83 -20.29 6.48
CA GLN E 8 15.82 -21.54 7.22
C GLN E 8 14.89 -21.46 8.43
N LYS E 9 14.86 -20.30 9.10
CA LYS E 9 13.95 -20.14 10.23
C LYS E 9 12.49 -20.08 9.78
N GLN E 10 12.23 -19.54 8.58
CA GLN E 10 10.87 -19.49 8.06
C GLN E 10 10.37 -20.89 7.73
N MET E 11 11.21 -21.70 7.05
CA MET E 11 10.81 -23.05 6.68
C MET E 11 10.60 -23.92 7.91
N LEU E 12 11.41 -23.71 8.95
CA LEU E 12 11.20 -24.42 10.22
C LEU E 12 9.85 -24.06 10.83
N GLY E 13 9.42 -22.81 10.67
CA GLY E 13 8.09 -22.43 11.13
C GLY E 13 6.98 -23.13 10.36
N GLU E 14 7.21 -23.41 9.08
CA GLU E 14 6.22 -24.12 8.28
C GLU E 14 6.04 -25.56 8.77
N ARG E 15 7.10 -26.14 9.36
CA ARG E 15 6.98 -27.46 9.96
C ARG E 15 6.37 -27.40 11.35
N LEU E 16 6.67 -26.35 12.11
CA LEU E 16 6.20 -26.25 13.48
C LEU E 16 4.72 -25.88 13.55
N PHE E 17 4.23 -25.09 12.60
CA PHE E 17 2.86 -24.59 12.70
C PHE E 17 1.81 -25.68 12.70
N PRO E 18 1.81 -26.66 11.79
CA PRO E 18 0.77 -27.70 11.84
C PRO E 18 0.75 -28.48 13.14
N LEU E 19 1.92 -28.80 13.69
CA LEU E 19 1.98 -29.51 14.96
C LEU E 19 1.47 -28.64 16.10
N ILE E 20 1.83 -27.36 16.10
CA ILE E 20 1.36 -26.45 17.14
C ILE E 20 -0.13 -26.16 16.95
N GLN E 21 -0.59 -26.08 15.70
CA GLN E 21 -2.01 -25.85 15.44
C GLN E 21 -2.87 -27.00 15.94
N ALA E 22 -2.34 -28.22 15.92
CA ALA E 22 -3.08 -29.36 16.47
C ALA E 22 -3.22 -29.23 17.98
N MET E 23 -2.19 -28.71 18.65
CA MET E 23 -2.26 -28.53 20.10
C MET E 23 -3.08 -27.31 20.48
N HIS E 24 -2.63 -26.12 20.04
CA HIS E 24 -3.27 -24.85 20.38
C HIS E 24 -3.69 -24.16 19.08
N PRO E 25 -4.89 -24.44 18.57
CA PRO E 25 -5.28 -23.86 17.27
C PRO E 25 -5.46 -22.36 17.30
N THR E 26 -5.94 -21.80 18.41
CA THR E 26 -6.24 -20.36 18.44
C THR E 26 -4.97 -19.52 18.45
N LEU E 27 -3.98 -19.90 19.25
CA LEU E 27 -2.75 -19.14 19.40
C LEU E 27 -1.55 -19.83 18.75
N ALA E 28 -1.80 -20.58 17.66
CA ALA E 28 -0.71 -21.29 17.00
C ALA E 28 0.31 -20.32 16.42
N GLY E 29 -0.16 -19.21 15.86
CA GLY E 29 0.76 -18.26 15.26
C GLY E 29 1.66 -17.59 16.27
N LYS E 30 1.13 -17.30 17.47
CA LYS E 30 1.93 -16.62 18.48
C LYS E 30 2.96 -17.57 19.09
N ILE E 31 2.56 -18.81 19.37
CA ILE E 31 3.51 -19.78 19.95
C ILE E 31 4.61 -20.10 18.96
N THR E 32 4.27 -20.19 17.67
CA THR E 32 5.29 -20.42 16.64
C THR E 32 6.26 -19.26 16.56
N GLY E 33 5.76 -18.02 16.70
CA GLY E 33 6.64 -16.87 16.67
C GLY E 33 7.59 -16.82 17.85
N MET E 34 7.11 -17.21 19.03
CA MET E 34 7.98 -17.25 20.20
C MET E 34 9.02 -18.36 20.08
N LEU E 35 8.58 -19.54 19.63
CA LEU E 35 9.51 -20.67 19.49
C LEU E 35 10.55 -20.42 18.41
N LEU E 36 10.21 -19.63 17.39
CA LEU E 36 11.18 -19.35 16.34
C LEU E 36 12.32 -18.45 16.79
N GLU E 37 12.20 -17.82 17.97
CA GLU E 37 13.26 -16.94 18.44
C GLU E 37 14.43 -17.71 19.06
N ILE E 38 14.20 -18.92 19.56
CA ILE E 38 15.27 -19.68 20.21
C ILE E 38 16.21 -20.23 19.16
N ASP E 39 17.29 -20.87 19.60
CA ASP E 39 18.31 -21.36 18.67
C ASP E 39 17.73 -22.45 17.77
N ASN E 40 18.26 -22.52 16.55
CA ASN E 40 17.79 -23.51 15.58
C ASN E 40 18.16 -24.93 16.00
N SER E 41 19.25 -25.08 16.76
CA SER E 41 19.65 -26.41 17.23
C SER E 41 18.58 -27.00 18.14
N GLU E 42 18.01 -26.18 19.01
CA GLU E 42 16.92 -26.64 19.86
C GLU E 42 15.65 -26.89 19.05
N LEU E 43 15.45 -26.12 17.98
CA LEU E 43 14.27 -26.30 17.14
C LEU E 43 14.29 -27.68 16.47
N LEU E 44 15.46 -28.10 16.00
CA LEU E 44 15.58 -29.43 15.40
C LEU E 44 15.36 -30.52 16.44
N HIS E 45 15.70 -30.26 17.70
CA HIS E 45 15.46 -31.24 18.75
C HIS E 45 13.97 -31.38 19.05
N MET E 46 13.23 -30.27 19.01
CA MET E 46 11.79 -30.33 19.27
C MET E 46 11.07 -31.06 18.15
N LEU E 47 11.60 -31.01 16.92
CA LEU E 47 10.99 -31.73 15.81
C LEU E 47 11.23 -33.24 15.93
N GLU E 48 12.35 -33.62 16.54
CA GLU E 48 12.65 -35.04 16.71
C GLU E 48 11.98 -35.60 17.97
N SER E 49 11.90 -34.81 19.03
CA SER E 49 11.29 -35.24 20.27
C SER E 49 9.92 -34.60 20.41
N PRO E 50 8.83 -35.34 20.22
CA PRO E 50 7.50 -34.71 20.38
C PRO E 50 7.23 -34.21 21.78
N GLU E 51 7.78 -34.88 22.80
CA GLU E 51 7.57 -34.42 24.18
C GLU E 51 8.30 -33.10 24.44
N SER E 52 9.43 -32.88 23.76
CA SER E 52 10.15 -31.62 23.94
C SER E 52 9.37 -30.45 23.34
N LEU E 53 8.68 -30.69 22.21
CA LEU E 53 7.86 -29.64 21.62
C LEU E 53 6.67 -29.31 22.49
N ARG E 54 6.01 -30.33 23.06
CA ARG E 54 4.86 -30.07 23.92
C ARG E 54 5.27 -29.32 25.18
N SER E 55 6.45 -29.62 25.72
CA SER E 55 6.91 -28.94 26.93
C SER E 55 7.21 -27.46 26.65
N LYS E 56 7.80 -27.17 25.49
CA LYS E 56 8.10 -25.79 25.16
C LYS E 56 6.83 -25.00 24.85
N VAL E 57 5.85 -25.65 24.23
CA VAL E 57 4.58 -24.97 23.94
C VAL E 57 3.84 -24.67 25.24
N ASP E 58 3.80 -25.63 26.17
CA ASP E 58 3.19 -25.38 27.46
C ASP E 58 3.95 -24.30 28.22
N GLU E 59 5.26 -24.21 28.02
CA GLU E 59 6.02 -23.11 28.60
C GLU E 59 5.68 -21.78 27.93
N ALA E 60 5.40 -21.80 26.64
CA ALA E 60 5.06 -20.56 25.94
C ALA E 60 3.67 -20.08 26.34
N VAL E 61 2.72 -21.00 26.51
CA VAL E 61 1.39 -20.61 26.94
C VAL E 61 1.42 -20.07 28.36
N ALA E 62 2.25 -20.67 29.22
CA ALA E 62 2.37 -20.18 30.59
C ALA E 62 3.09 -18.83 30.63
N VAL E 63 4.01 -18.59 29.69
CA VAL E 63 4.69 -17.30 29.63
C VAL E 63 3.70 -16.19 29.25
N LEU E 64 2.82 -16.48 28.29
CA LEU E 64 1.81 -15.49 27.91
C LEU E 64 0.82 -15.24 29.05
N GLN E 65 0.48 -16.29 29.80
CA GLN E 65 -0.44 -16.11 30.93
C GLN E 65 0.21 -15.28 32.02
N ALA E 66 1.51 -15.47 32.23
CA ALA E 66 2.22 -14.69 33.25
C ALA E 66 2.37 -13.23 32.83
N HIS E 67 2.55 -12.97 31.54
CA HIS E 67 2.69 -11.59 31.09
C HIS E 67 1.38 -10.83 31.15
N GLN E 68 0.25 -11.50 30.90
CA GLN E 68 -1.04 -10.85 31.05
C GLN E 68 -1.31 -10.52 32.51
N ALA E 69 -0.88 -11.39 33.43
CA ALA E 69 -1.03 -11.12 34.85
C ALA E 69 -0.10 -9.99 35.29
N LYS E 70 1.12 -9.95 34.75
CA LYS E 70 2.02 -8.86 35.06
C LYS E 70 1.50 -7.53 34.52
N GLU E 71 0.90 -7.55 33.32
CA GLU E 71 0.32 -6.34 32.77
C GLU E 71 -0.91 -5.91 33.55
N ALA E 72 -1.65 -6.87 34.11
CA ALA E 72 -2.79 -6.53 34.97
C ALA E 72 -2.33 -6.08 36.35
N ALA E 73 -1.14 -6.52 36.77
CA ALA E 73 -0.61 -6.11 38.07
C ALA E 73 -0.22 -4.63 38.06
N GLN E 74 0.30 -4.14 36.94
CA GLN E 74 0.64 -2.72 36.83
C GLN E 74 -0.60 -1.84 36.72
N LYS E 75 -1.73 -2.40 36.34
CA LYS E 75 -2.97 -1.64 36.22
C LYS E 75 -3.61 -1.44 37.59
N SER F 1 13.89 -21.61 29.05
CA SER F 1 14.77 -20.51 28.65
C SER F 1 14.01 -19.19 28.65
N ASN F 2 14.57 -18.19 27.98
CA ASN F 2 13.95 -16.87 27.89
C ASN F 2 13.06 -16.82 26.66
N LEU F 3 11.76 -16.64 26.88
CA LEU F 3 10.78 -16.53 25.81
C LEU F 3 10.18 -15.13 25.82
N ASN F 4 9.97 -14.58 24.62
CA ASN F 4 9.50 -13.20 24.51
C ASN F 4 8.00 -13.20 24.24
N PRO F 5 7.19 -12.64 25.15
CA PRO F 5 5.74 -12.57 24.87
C PRO F 5 5.40 -11.63 23.73
N ASN F 6 6.24 -10.63 23.46
CA ASN F 6 6.02 -9.70 22.38
C ASN F 6 6.59 -10.16 21.04
N ALA F 7 6.94 -11.44 20.93
CA ALA F 7 7.47 -11.96 19.68
C ALA F 7 6.43 -11.83 18.57
N PRO F 8 6.87 -11.56 17.34
CA PRO F 8 5.92 -11.38 16.23
C PRO F 8 5.22 -12.69 15.87
N GLU F 9 3.94 -12.58 15.54
CA GLU F 9 3.16 -13.75 15.16
C GLU F 9 3.66 -14.32 13.82
N PHE F 10 3.60 -15.64 13.71
CA PHE F 10 3.99 -16.36 12.51
C PHE F 10 2.76 -16.66 11.66
N HIS F 11 2.79 -16.26 10.41
CA HIS F 11 1.66 -16.48 9.50
C HIS F 11 2.09 -17.39 8.36
N PRO F 12 1.45 -18.55 8.18
CA PRO F 12 1.83 -19.45 7.08
C PRO F 12 1.56 -18.83 5.72
N GLY F 13 2.43 -19.14 4.76
CA GLY F 13 2.29 -18.67 3.40
C GLY F 13 2.77 -17.26 3.16
N VAL F 14 3.17 -16.54 4.20
CA VAL F 14 3.65 -15.16 4.09
C VAL F 14 4.99 -15.09 4.82
N PRO F 15 5.97 -14.36 4.30
CA PRO F 15 7.25 -14.26 5.02
C PRO F 15 7.04 -13.69 6.41
N TRP F 16 7.71 -14.30 7.38
CA TRP F 16 7.48 -13.93 8.78
C TRP F 16 7.98 -12.52 9.05
N LYS F 17 7.15 -11.73 9.75
CA LYS F 17 7.55 -10.41 10.19
C LYS F 17 8.68 -10.52 11.20
N GLY F 18 9.56 -9.51 11.19
CA GLY F 18 10.80 -9.57 11.95
C GLY F 18 11.59 -10.82 11.66
N LEU F 19 11.78 -11.14 10.38
CA LEU F 19 12.48 -12.35 9.98
C LEU F 19 13.96 -12.22 10.33
N GLN F 20 14.46 -13.12 11.18
CA GLN F 20 15.84 -13.08 11.61
C GLN F 20 16.28 -14.45 12.11
N PRO G 2 0.99 25.79 -8.50
CA PRO G 2 0.76 25.82 -7.05
C PRO G 2 -0.33 24.84 -6.63
N LEU G 3 -0.29 24.41 -5.36
CA LEU G 3 -1.32 23.51 -4.85
C LEU G 3 -2.67 24.20 -4.73
N GLY G 4 -2.70 25.53 -4.64
CA GLY G 4 -3.96 26.24 -4.70
C GLY G 4 -4.63 26.09 -6.05
N SER G 5 -3.85 26.19 -7.13
CA SER G 5 -4.39 25.97 -8.46
C SER G 5 -4.76 24.52 -8.69
N GLN G 6 -4.04 23.59 -8.06
CA GLN G 6 -4.39 22.18 -8.16
C GLN G 6 -5.70 21.90 -7.41
N GLU G 7 -5.86 22.48 -6.22
CA GLU G 7 -7.11 22.35 -5.49
C GLU G 7 -8.24 23.09 -6.20
N GLN G 8 -7.93 24.19 -6.88
CA GLN G 8 -8.94 24.95 -7.61
C GLN G 8 -9.55 24.11 -8.73
N LYS G 9 -8.72 23.31 -9.41
CA LYS G 9 -9.25 22.46 -10.47
C LYS G 9 -10.10 21.32 -9.90
N GLN G 10 -9.76 20.84 -8.69
CA GLN G 10 -10.56 19.78 -8.08
C GLN G 10 -11.95 20.27 -7.71
N MET G 11 -12.04 21.44 -7.07
CA MET G 11 -13.33 21.97 -6.66
C MET G 11 -14.18 22.32 -7.89
N LEU G 12 -13.54 22.82 -8.96
CA LEU G 12 -14.27 23.04 -10.20
C LEU G 12 -14.76 21.72 -10.78
N GLY G 13 -13.98 20.66 -10.61
CA GLY G 13 -14.42 19.34 -11.03
C GLY G 13 -15.59 18.83 -10.20
N GLU G 14 -15.65 19.22 -8.93
CA GLU G 14 -16.75 18.78 -8.07
C GLU G 14 -18.08 19.36 -8.54
N ARG G 15 -18.06 20.54 -9.16
CA ARG G 15 -19.31 21.09 -9.70
C ARG G 15 -19.67 20.45 -11.04
N LEU G 16 -18.67 20.15 -11.86
CA LEU G 16 -18.96 19.65 -13.20
C LEU G 16 -19.50 18.22 -13.17
N PHE G 17 -19.05 17.41 -12.20
CA PHE G 17 -19.40 16.00 -12.20
C PHE G 17 -20.92 15.75 -12.08
N PRO G 18 -21.66 16.37 -11.16
CA PRO G 18 -23.10 16.09 -11.09
C PRO G 18 -23.85 16.42 -12.36
N LEU G 19 -23.54 17.54 -13.00
CA LEU G 19 -24.21 17.86 -14.27
C LEU G 19 -23.79 16.91 -15.37
N ILE G 20 -22.50 16.55 -15.42
CA ILE G 20 -22.05 15.60 -16.43
C ILE G 20 -22.58 14.20 -16.11
N GLN G 21 -22.67 13.85 -14.83
CA GLN G 21 -23.25 12.56 -14.46
C GLN G 21 -24.71 12.48 -14.86
N ALA G 22 -25.43 13.61 -14.79
CA ALA G 22 -26.80 13.64 -15.30
C ALA G 22 -26.82 13.54 -16.82
N MET G 23 -25.81 14.13 -17.48
CA MET G 23 -25.73 14.08 -18.93
C MET G 23 -25.22 12.73 -19.42
N HIS G 24 -23.99 12.38 -19.05
CA HIS G 24 -23.34 11.13 -19.47
C HIS G 24 -22.93 10.35 -18.22
N PRO G 25 -23.82 9.51 -17.69
CA PRO G 25 -23.50 8.81 -16.43
C PRO G 25 -22.36 7.82 -16.56
N THR G 26 -22.21 7.16 -17.71
CA THR G 26 -21.20 6.12 -17.85
C THR G 26 -19.79 6.71 -17.89
N LEU G 27 -19.59 7.78 -18.66
CA LEU G 27 -18.29 8.39 -18.84
C LEU G 27 -18.17 9.74 -18.14
N ALA G 28 -18.89 9.91 -17.03
CA ALA G 28 -18.84 11.18 -16.32
C ALA G 28 -17.45 11.46 -15.77
N GLY G 29 -16.79 10.42 -15.26
CA GLY G 29 -15.44 10.60 -14.75
C GLY G 29 -14.44 10.91 -15.84
N LYS G 30 -14.62 10.29 -17.02
CA LYS G 30 -13.69 10.50 -18.12
C LYS G 30 -13.88 11.87 -18.75
N ILE G 31 -15.14 12.29 -18.96
CA ILE G 31 -15.41 13.59 -19.56
C ILE G 31 -14.96 14.71 -18.62
N THR G 32 -15.15 14.54 -17.32
CA THR G 32 -14.71 15.54 -16.36
C THR G 32 -13.19 15.67 -16.37
N GLY G 33 -12.49 14.55 -16.51
CA GLY G 33 -11.04 14.62 -16.56
C GLY G 33 -10.54 15.32 -17.81
N MET G 34 -11.21 15.10 -18.95
CA MET G 34 -10.82 15.79 -20.18
C MET G 34 -11.14 17.28 -20.09
N LEU G 35 -12.32 17.62 -19.59
CA LEU G 35 -12.72 19.03 -19.48
C LEU G 35 -11.87 19.78 -18.47
N LEU G 36 -11.37 19.10 -17.44
CA LEU G 36 -10.56 19.75 -16.44
C LEU G 36 -9.19 20.17 -16.96
N GLU G 37 -8.78 19.70 -18.13
CA GLU G 37 -7.48 20.08 -18.68
C GLU G 37 -7.47 21.48 -19.27
N ILE G 38 -8.63 21.98 -19.69
CA ILE G 38 -8.71 23.29 -20.33
C ILE G 38 -8.57 24.39 -19.28
N ASP G 39 -8.52 25.63 -19.75
CA ASP G 39 -8.32 26.78 -18.87
C ASP G 39 -9.50 26.95 -17.91
N ASN G 40 -9.21 27.50 -16.73
CA ASN G 40 -10.25 27.71 -15.73
C ASN G 40 -11.24 28.77 -16.17
N SER G 41 -10.79 29.72 -17.01
CA SER G 41 -11.70 30.76 -17.50
C SER G 41 -12.81 30.18 -18.35
N GLU G 42 -12.47 29.21 -19.20
CA GLU G 42 -13.50 28.53 -19.98
C GLU G 42 -14.37 27.65 -19.12
N LEU G 43 -13.80 27.07 -18.05
CA LEU G 43 -14.59 26.24 -17.15
C LEU G 43 -15.65 27.06 -16.43
N LEU G 44 -15.30 28.26 -16.00
CA LEU G 44 -16.29 29.14 -15.37
C LEU G 44 -17.35 29.57 -16.36
N HIS G 45 -17.01 29.69 -17.64
CA HIS G 45 -18.00 30.04 -18.65
C HIS G 45 -18.97 28.88 -18.88
N MET G 46 -18.46 27.65 -18.86
CA MET G 46 -19.32 26.48 -19.04
C MET G 46 -20.26 26.30 -17.85
N LEU G 47 -19.84 26.74 -16.66
CA LEU G 47 -20.69 26.64 -15.49
C LEU G 47 -21.83 27.67 -15.53
N GLU G 48 -21.60 28.81 -16.20
CA GLU G 48 -22.62 29.83 -16.30
C GLU G 48 -23.59 29.55 -17.44
N SER G 49 -23.06 29.18 -18.61
CA SER G 49 -23.88 28.90 -19.77
C SER G 49 -24.04 27.39 -19.91
N PRO G 50 -25.22 26.83 -19.65
CA PRO G 50 -25.39 25.37 -19.78
C PRO G 50 -25.21 24.87 -21.20
N GLU G 51 -25.47 25.71 -22.21
CA GLU G 51 -25.32 25.26 -23.59
C GLU G 51 -23.86 25.00 -23.93
N SER G 52 -22.95 25.85 -23.43
CA SER G 52 -21.53 25.64 -23.69
C SER G 52 -21.01 24.39 -23.01
N LEU G 53 -21.53 24.07 -21.81
CA LEU G 53 -21.13 22.83 -21.15
C LEU G 53 -21.62 21.61 -21.93
N ARG G 54 -22.85 21.67 -22.43
CA ARG G 54 -23.37 20.56 -23.23
C ARG G 54 -22.60 20.41 -24.53
N SER G 55 -22.20 21.53 -25.13
CA SER G 55 -21.45 21.47 -26.38
C SER G 55 -20.06 20.89 -26.17
N LYS G 56 -19.40 21.24 -25.06
CA LYS G 56 -18.07 20.70 -24.79
C LYS G 56 -18.14 19.23 -24.42
N VAL G 57 -19.20 18.82 -23.72
CA VAL G 57 -19.35 17.42 -23.36
C VAL G 57 -19.61 16.58 -24.61
N ASP G 58 -20.48 17.05 -25.51
CA ASP G 58 -20.70 16.36 -26.76
C ASP G 58 -19.44 16.32 -27.60
N GLU G 59 -18.59 17.35 -27.50
CA GLU G 59 -17.31 17.32 -28.17
C GLU G 59 -16.37 16.30 -27.55
N ALA G 60 -16.45 16.11 -26.22
CA ALA G 60 -15.57 15.15 -25.57
C ALA G 60 -15.97 13.72 -25.93
N VAL G 61 -17.26 13.43 -26.03
CA VAL G 61 -17.70 12.10 -26.42
C VAL G 61 -17.30 11.81 -27.86
N ALA G 62 -17.38 12.80 -28.73
CA ALA G 62 -16.96 12.61 -30.11
C ALA G 62 -15.45 12.45 -30.22
N VAL G 63 -14.69 13.10 -29.34
CA VAL G 63 -13.24 12.95 -29.35
C VAL G 63 -12.86 11.53 -28.95
N LEU G 64 -13.52 10.98 -27.93
CA LEU G 64 -13.26 9.61 -27.51
C LEU G 64 -13.66 8.61 -28.60
N GLN G 65 -14.76 8.88 -29.29
CA GLN G 65 -15.18 7.99 -30.37
C GLN G 65 -14.20 8.03 -31.53
N ALA G 66 -13.64 9.21 -31.81
CA ALA G 66 -12.65 9.33 -32.88
C ALA G 66 -11.34 8.64 -32.50
N HIS G 67 -10.98 8.67 -31.22
CA HIS G 67 -9.73 8.03 -30.80
C HIS G 67 -9.84 6.52 -30.83
N GLN G 68 -11.02 5.97 -30.51
CA GLN G 68 -11.21 4.53 -30.63
C GLN G 68 -11.16 4.09 -32.10
N ALA G 69 -11.66 4.93 -32.99
CA ALA G 69 -11.58 4.62 -34.42
C ALA G 69 -10.15 4.72 -34.92
N LYS G 70 -9.39 5.71 -34.42
CA LYS G 70 -7.99 5.82 -34.78
C LYS G 70 -7.19 4.65 -34.25
N GLU G 71 -7.50 4.20 -33.03
CA GLU G 71 -6.83 3.02 -32.49
C GLU G 71 -7.23 1.76 -33.23
N ALA G 72 -8.44 1.72 -33.78
CA ALA G 72 -8.86 0.60 -34.61
C ALA G 72 -8.29 0.71 -36.02
N ALA G 73 -7.97 1.92 -36.47
CA ALA G 73 -7.39 2.08 -37.80
C ALA G 73 -5.97 1.51 -37.86
N GLN G 74 -5.23 1.60 -36.76
CA GLN G 74 -3.89 1.02 -36.71
C GLN G 74 -3.93 -0.51 -36.59
N LYS G 75 -5.04 -1.08 -36.13
CA LYS G 75 -5.16 -2.52 -35.99
C LYS G 75 -5.69 -3.15 -37.28
N SER H 1 -11.74 22.95 -28.86
CA SER H 1 -10.28 23.11 -28.80
C SER H 1 -9.59 21.74 -28.78
N ASN H 2 -8.44 21.66 -28.12
CA ASN H 2 -7.69 20.42 -28.03
C ASN H 2 -8.12 19.67 -26.79
N LEU H 3 -8.67 18.47 -26.99
CA LEU H 3 -9.10 17.61 -25.90
C LEU H 3 -8.26 16.34 -25.91
N ASN H 4 -7.88 15.87 -24.72
CA ASN H 4 -6.99 14.73 -24.61
C ASN H 4 -7.81 13.48 -24.31
N PRO H 5 -7.82 12.48 -25.20
CA PRO H 5 -8.54 11.24 -24.87
C PRO H 5 -7.90 10.45 -23.75
N ASN H 6 -6.59 10.57 -23.57
CA ASN H 6 -5.86 9.87 -22.52
C ASN H 6 -5.83 10.65 -21.20
N ALA H 7 -6.66 11.68 -21.05
CA ALA H 7 -6.69 12.45 -19.81
C ALA H 7 -7.10 11.55 -18.65
N PRO H 8 -6.55 11.79 -17.46
CA PRO H 8 -6.88 10.94 -16.31
C PRO H 8 -8.31 11.15 -15.85
N GLU H 9 -8.95 10.06 -15.44
CA GLU H 9 -10.33 10.11 -14.98
C GLU H 9 -10.42 10.87 -13.65
N PHE H 10 -11.52 11.61 -13.49
CA PHE H 10 -11.80 12.36 -12.28
C PHE H 10 -12.74 11.56 -11.39
N HIS H 11 -12.33 11.33 -10.14
CA HIS H 11 -13.13 10.59 -9.18
C HIS H 11 -13.49 11.48 -8.01
N PRO H 12 -14.77 11.68 -7.72
CA PRO H 12 -15.16 12.53 -6.59
C PRO H 12 -14.69 11.95 -5.26
N GLY H 13 -14.34 12.84 -4.34
CA GLY H 13 -13.90 12.47 -3.01
C GLY H 13 -12.45 12.06 -2.89
N VAL H 14 -11.73 11.96 -4.00
CA VAL H 14 -10.31 11.59 -4.00
C VAL H 14 -9.58 12.64 -4.83
N PRO H 15 -8.37 13.04 -4.45
CA PRO H 15 -7.66 14.05 -5.24
C PRO H 15 -7.43 13.58 -6.67
N TRP H 16 -7.72 14.49 -7.61
CA TRP H 16 -7.62 14.17 -9.02
C TRP H 16 -6.16 14.03 -9.42
N LYS H 17 -5.87 13.00 -10.22
CA LYS H 17 -4.53 12.82 -10.75
C LYS H 17 -4.14 13.99 -11.66
N GLY H 18 -2.84 14.21 -11.77
CA GLY H 18 -2.28 15.36 -12.45
C GLY H 18 -2.95 16.69 -12.15
N LEU H 19 -3.28 16.94 -10.89
CA LEU H 19 -3.98 18.16 -10.53
C LEU H 19 -3.06 19.37 -10.61
N GLY I 4 3.85 2.78 -8.49
CA GLY I 4 4.68 2.61 -9.66
C GLY I 4 6.11 3.04 -9.45
N SER I 5 6.31 4.16 -8.77
CA SER I 5 7.66 4.62 -8.45
C SER I 5 8.33 3.70 -7.44
N GLN I 6 7.56 3.11 -6.54
CA GLN I 6 8.13 2.14 -5.60
C GLN I 6 8.54 0.86 -6.32
N GLU I 7 7.71 0.40 -7.26
CA GLU I 7 8.09 -0.76 -8.06
C GLU I 7 9.26 -0.46 -8.98
N GLN I 8 9.36 0.77 -9.49
CA GLN I 8 10.48 1.13 -10.34
C GLN I 8 11.80 1.08 -9.57
N LYS I 9 11.78 1.53 -8.31
CA LYS I 9 12.99 1.44 -7.49
C LYS I 9 13.29 0.00 -7.12
N GLN I 10 12.26 -0.83 -6.96
CA GLN I 10 12.48 -2.24 -6.65
C GLN I 10 13.13 -2.97 -7.82
N MET I 11 12.65 -2.74 -9.04
CA MET I 11 13.20 -3.43 -10.20
C MET I 11 14.66 -3.06 -10.43
N LEU I 12 15.02 -1.79 -10.19
CA LEU I 12 16.43 -1.41 -10.26
C LEU I 12 17.24 -2.09 -9.16
N GLY I 13 16.65 -2.24 -7.97
CA GLY I 13 17.33 -2.97 -6.91
C GLY I 13 17.43 -4.46 -7.18
N GLU I 14 16.40 -5.03 -7.82
CA GLU I 14 16.44 -6.45 -8.15
C GLU I 14 17.47 -6.76 -9.23
N ARG I 15 17.76 -5.79 -10.10
CA ARG I 15 18.80 -5.99 -11.10
C ARG I 15 20.18 -5.74 -10.53
N LEU I 16 20.31 -4.77 -9.62
CA LEU I 16 21.61 -4.42 -9.07
C LEU I 16 22.13 -5.44 -8.06
N PHE I 17 21.23 -6.06 -7.29
CA PHE I 17 21.67 -6.92 -6.19
C PHE I 17 22.49 -8.11 -6.65
N PRO I 18 22.09 -8.90 -7.66
CA PRO I 18 22.94 -10.03 -8.07
C PRO I 18 24.33 -9.62 -8.50
N LEU I 19 24.47 -8.48 -9.19
CA LEU I 19 25.78 -8.02 -9.61
C LEU I 19 26.64 -7.62 -8.42
N ILE I 20 26.04 -6.96 -7.42
CA ILE I 20 26.79 -6.57 -6.24
C ILE I 20 27.12 -7.77 -5.36
N GLN I 21 26.20 -8.75 -5.28
CA GLN I 21 26.47 -9.93 -4.49
C GLN I 21 27.61 -10.75 -5.08
N ALA I 22 27.75 -10.76 -6.41
CA ALA I 22 28.90 -11.42 -7.01
C ALA I 22 30.18 -10.66 -6.73
N MET I 23 30.10 -9.33 -6.67
CA MET I 23 31.27 -8.50 -6.38
C MET I 23 31.60 -8.51 -4.90
N HIS I 24 30.68 -8.04 -4.06
CA HIS I 24 30.87 -7.96 -2.61
C HIS I 24 29.76 -8.77 -1.95
N PRO I 25 29.95 -10.08 -1.79
CA PRO I 25 28.88 -10.91 -1.22
C PRO I 25 28.62 -10.64 0.25
N THR I 26 29.65 -10.25 1.01
CA THR I 26 29.49 -10.11 2.45
C THR I 26 28.59 -8.92 2.79
N LEU I 27 28.81 -7.79 2.13
CA LEU I 27 28.05 -6.57 2.39
C LEU I 27 27.10 -6.23 1.24
N ALA I 28 26.59 -7.25 0.55
CA ALA I 28 25.75 -7.02 -0.62
C ALA I 28 24.45 -6.31 -0.25
N GLY I 29 23.86 -6.66 0.90
CA GLY I 29 22.61 -6.06 1.30
C GLY I 29 22.73 -4.58 1.61
N LYS I 30 23.84 -4.17 2.22
CA LYS I 30 24.01 -2.77 2.59
C LYS I 30 24.30 -1.90 1.37
N ILE I 31 25.17 -2.36 0.47
CA ILE I 31 25.52 -1.56 -0.70
C ILE I 31 24.30 -1.40 -1.62
N THR I 32 23.48 -2.44 -1.75
CA THR I 32 22.29 -2.32 -2.58
C THR I 32 21.32 -1.30 -2.02
N GLY I 33 21.17 -1.26 -0.70
CA GLY I 33 20.31 -0.26 -0.10
C GLY I 33 20.86 1.15 -0.24
N MET I 34 22.19 1.29 -0.09
CA MET I 34 22.81 2.60 -0.24
C MET I 34 22.77 3.10 -1.68
N LEU I 35 23.05 2.22 -2.63
CA LEU I 35 23.06 2.63 -4.04
C LEU I 35 21.66 3.01 -4.52
N LEU I 36 20.62 2.41 -3.95
CA LEU I 36 19.25 2.74 -4.34
C LEU I 36 18.83 4.13 -3.89
N GLU I 37 19.60 4.77 -3.00
CA GLU I 37 19.24 6.10 -2.53
C GLU I 37 19.53 7.18 -3.56
N ILE I 38 20.48 6.94 -4.46
CA ILE I 38 20.85 7.92 -5.48
C ILE I 38 19.75 7.96 -6.54
N ASP I 39 19.87 8.89 -7.49
CA ASP I 39 18.83 9.05 -8.50
C ASP I 39 18.73 7.81 -9.38
N ASN I 40 17.51 7.54 -9.84
CA ASN I 40 17.28 6.37 -10.68
C ASN I 40 17.95 6.50 -12.04
N SER I 41 18.14 7.74 -12.52
CA SER I 41 18.79 7.95 -13.81
C SER I 41 20.23 7.46 -13.79
N GLU I 42 20.95 7.73 -12.69
CA GLU I 42 22.32 7.24 -12.57
C GLU I 42 22.36 5.73 -12.37
N LEU I 43 21.35 5.16 -11.70
CA LEU I 43 21.32 3.72 -11.49
C LEU I 43 21.17 2.97 -12.81
N LEU I 44 20.32 3.48 -13.71
CA LEU I 44 20.18 2.84 -15.02
C LEU I 44 21.47 2.93 -15.82
N HIS I 45 22.25 3.99 -15.62
CA HIS I 45 23.54 4.11 -16.30
C HIS I 45 24.54 3.12 -15.71
N MET I 46 24.49 2.90 -14.40
CA MET I 46 25.41 1.96 -13.76
C MET I 46 25.12 0.52 -14.18
N LEU I 47 23.87 0.21 -14.52
CA LEU I 47 23.56 -1.15 -14.97
C LEU I 47 24.10 -1.41 -16.36
N GLU I 48 24.23 -0.38 -17.20
CA GLU I 48 24.76 -0.56 -18.54
C GLU I 48 26.28 -0.53 -18.55
N SER I 49 26.90 0.28 -17.69
CA SER I 49 28.34 0.39 -17.63
C SER I 49 28.87 -0.43 -16.46
N PRO I 50 29.54 -1.57 -16.71
CA PRO I 50 30.06 -2.37 -15.58
C PRO I 50 31.12 -1.65 -14.78
N GLU I 51 31.88 -0.73 -15.40
CA GLU I 51 32.93 -0.03 -14.67
C GLU I 51 32.34 0.99 -13.70
N SER I 52 31.27 1.67 -14.10
CA SER I 52 30.65 2.66 -13.22
C SER I 52 30.02 2.01 -12.00
N LEU I 53 29.56 0.75 -12.13
CA LEU I 53 28.96 0.06 -11.00
C LEU I 53 30.02 -0.43 -10.01
N ARG I 54 31.13 -0.98 -10.54
CA ARG I 54 32.18 -1.47 -9.65
C ARG I 54 32.81 -0.35 -8.85
N SER I 55 32.96 0.83 -9.45
CA SER I 55 33.56 1.96 -8.74
C SER I 55 32.66 2.46 -7.61
N LYS I 56 31.35 2.47 -7.82
CA LYS I 56 30.43 2.94 -6.80
C LYS I 56 30.34 1.98 -5.63
N VAL I 57 30.42 0.67 -5.88
CA VAL I 57 30.37 -0.31 -4.79
C VAL I 57 31.61 -0.21 -3.92
N ASP I 58 32.78 -0.07 -4.53
CA ASP I 58 34.01 0.10 -3.76
C ASP I 58 33.98 1.38 -2.93
N GLU I 59 33.34 2.44 -3.43
CA GLU I 59 33.17 3.65 -2.64
C GLU I 59 32.18 3.45 -1.51
N ALA I 60 31.17 2.61 -1.72
CA ALA I 60 30.18 2.35 -0.67
C ALA I 60 30.77 1.51 0.45
N VAL I 61 31.65 0.56 0.11
CA VAL I 61 32.27 -0.28 1.12
C VAL I 61 33.14 0.55 2.05
N ALA I 62 33.84 1.56 1.49
CA ALA I 62 34.65 2.43 2.32
C ALA I 62 33.79 3.35 3.18
N VAL I 63 32.60 3.72 2.70
CA VAL I 63 31.71 4.57 3.49
C VAL I 63 31.20 3.80 4.71
N LEU I 64 30.81 2.54 4.52
CA LEU I 64 30.36 1.74 5.66
C LEU I 64 31.52 1.43 6.59
N GLN I 65 32.72 1.21 6.05
CA GLN I 65 33.88 0.93 6.87
C GLN I 65 34.29 2.15 7.69
N ALA I 66 34.17 3.34 7.11
CA ALA I 66 34.55 4.55 7.83
C ALA I 66 33.58 4.85 8.97
N HIS I 67 32.29 4.58 8.76
CA HIS I 67 31.32 4.82 9.82
C HIS I 67 31.43 3.78 10.93
N GLN I 68 31.79 2.54 10.58
CA GLN I 68 31.97 1.50 11.59
C GLN I 68 33.12 1.85 12.52
N ALA I 69 34.17 2.47 11.98
CA ALA I 69 35.28 2.90 12.83
C ALA I 69 34.88 4.07 13.72
N LYS I 70 34.07 4.99 13.19
CA LYS I 70 33.57 6.10 14.00
C LYS I 70 32.64 5.61 15.09
N GLU I 71 31.79 4.63 14.78
CA GLU I 71 30.87 4.10 15.78
C GLU I 71 31.61 3.30 16.84
N ALA I 72 32.53 2.42 16.42
CA ALA I 72 33.26 1.59 17.37
C ALA I 72 34.23 2.40 18.22
N ALA I 73 34.63 3.58 17.78
CA ALA I 73 35.54 4.40 18.57
C ALA I 73 34.84 5.01 19.77
N GLN I 74 33.62 5.50 19.57
CA GLN I 74 32.85 6.10 20.66
C GLN I 74 32.31 5.04 21.61
N SER J 1 28.83 12.72 -3.51
CA SER J 1 27.79 11.72 -3.27
C SER J 1 27.91 11.12 -1.86
N ASN J 2 27.06 11.60 -0.96
CA ASN J 2 27.06 11.12 0.42
C ASN J 2 26.08 9.95 0.54
N LEU J 3 26.60 8.81 0.99
CA LEU J 3 25.80 7.60 1.18
C LEU J 3 25.67 7.31 2.67
N ASN J 4 24.51 6.85 3.08
CA ASN J 4 24.19 6.68 4.49
C ASN J 4 24.43 5.24 4.91
N PRO J 5 25.35 4.99 5.86
CA PRO J 5 25.56 3.62 6.34
C PRO J 5 24.37 3.03 7.06
N ASN J 6 23.49 3.86 7.61
CA ASN J 6 22.29 3.38 8.30
C ASN J 6 21.14 3.16 7.33
N ALA J 7 21.39 3.15 6.03
CA ALA J 7 20.35 2.87 5.05
C ALA J 7 19.84 1.45 5.25
N PRO J 8 18.55 1.22 5.01
CA PRO J 8 18.00 -0.12 5.22
C PRO J 8 18.52 -1.12 4.18
N GLU J 9 18.78 -2.33 4.64
CA GLU J 9 19.28 -3.37 3.76
C GLU J 9 18.21 -3.79 2.76
N PHE J 10 18.65 -4.15 1.56
CA PHE J 10 17.75 -4.63 0.51
C PHE J 10 17.75 -6.14 0.54
N HIS J 11 16.57 -6.73 0.71
CA HIS J 11 16.40 -8.17 0.76
C HIS J 11 15.48 -8.61 -0.38
N PRO J 12 15.91 -9.52 -1.24
CA PRO J 12 15.05 -9.97 -2.34
C PRO J 12 13.79 -10.64 -1.82
N GLY J 13 12.70 -10.45 -2.56
CA GLY J 13 11.41 -11.02 -2.24
C GLY J 13 10.58 -10.24 -1.25
N VAL J 14 11.12 -9.18 -0.66
CA VAL J 14 10.35 -8.34 0.27
C VAL J 14 10.55 -6.89 -0.15
N PRO J 15 9.50 -6.06 -0.11
CA PRO J 15 9.65 -4.66 -0.53
C PRO J 15 10.64 -3.91 0.33
N TRP J 16 11.52 -3.15 -0.33
CA TRP J 16 12.54 -2.39 0.37
C TRP J 16 11.89 -1.23 1.12
N LYS J 17 12.29 -1.04 2.38
CA LYS J 17 11.77 0.06 3.18
C LYS J 17 12.17 1.41 2.59
N GLY J 18 13.47 1.70 2.57
CA GLY J 18 13.96 3.02 2.22
C GLY J 18 13.61 3.47 0.81
N GLY K 4 5.83 1.70 8.05
CA GLY K 4 6.15 2.55 9.19
C GLY K 4 7.12 3.67 8.84
N SER K 5 8.14 3.34 8.06
CA SER K 5 9.09 4.36 7.62
C SER K 5 8.44 5.34 6.64
N GLN K 6 7.46 4.89 5.86
CA GLN K 6 6.75 5.79 4.97
C GLN K 6 5.89 6.77 5.75
N GLU K 7 5.20 6.28 6.79
CA GLU K 7 4.41 7.18 7.64
C GLU K 7 5.32 8.09 8.44
N GLN K 8 6.48 7.59 8.88
CA GLN K 8 7.42 8.42 9.61
C GLN K 8 8.00 9.53 8.73
N LYS K 9 8.28 9.22 7.46
CA LYS K 9 8.79 10.24 6.55
C LYS K 9 7.74 11.28 6.22
N GLN K 10 6.47 10.88 6.18
CA GLN K 10 5.40 11.84 5.93
C GLN K 10 5.26 12.82 7.08
N MET K 11 5.24 12.31 8.31
CA MET K 11 5.06 13.19 9.47
C MET K 11 6.20 14.18 9.62
N LEU K 12 7.43 13.74 9.32
CA LEU K 12 8.54 14.68 9.31
C LEU K 12 8.40 15.71 8.19
N GLY K 13 7.89 15.28 7.03
CA GLY K 13 7.63 16.23 5.96
C GLY K 13 6.49 17.18 6.27
N GLU K 14 5.46 16.69 6.96
CA GLU K 14 4.35 17.55 7.33
C GLU K 14 4.75 18.58 8.38
N ARG K 15 5.78 18.27 9.19
CA ARG K 15 6.28 19.24 10.15
C ARG K 15 7.23 20.25 9.50
N LEU K 16 8.02 19.81 8.53
CA LEU K 16 8.99 20.70 7.91
C LEU K 16 8.34 21.70 6.96
N PHE K 17 7.26 21.30 6.28
CA PHE K 17 6.70 22.14 5.22
C PHE K 17 6.24 23.52 5.71
N PRO K 18 5.47 23.65 6.80
CA PRO K 18 5.08 24.99 7.23
C PRO K 18 6.26 25.89 7.55
N LEU K 19 7.31 25.34 8.15
CA LEU K 19 8.48 26.14 8.47
C LEU K 19 9.21 26.60 7.21
N ILE K 20 9.31 25.73 6.20
CA ILE K 20 9.96 26.12 4.95
C ILE K 20 9.10 27.11 4.18
N GLN K 21 7.77 26.99 4.27
CA GLN K 21 6.90 27.94 3.59
C GLN K 21 7.08 29.36 4.12
N ALA K 22 7.39 29.50 5.41
CA ALA K 22 7.67 30.82 5.95
C ALA K 22 8.99 31.38 5.42
N MET K 23 9.99 30.51 5.24
CA MET K 23 11.28 30.97 4.72
C MET K 23 11.22 31.19 3.21
N HIS K 24 10.98 30.11 2.46
CA HIS K 24 10.94 30.17 0.99
C HIS K 24 9.58 29.66 0.54
N PRO K 25 8.56 30.52 0.48
CA PRO K 25 7.22 30.05 0.10
C PRO K 25 7.13 29.62 -1.35
N THR K 26 7.93 30.22 -2.23
CA THR K 26 7.81 29.94 -3.66
C THR K 26 8.29 28.53 -3.99
N LEU K 27 9.43 28.13 -3.43
CA LEU K 27 10.00 26.81 -3.69
C LEU K 27 9.91 25.90 -2.47
N ALA K 28 8.87 26.08 -1.66
CA ALA K 28 8.72 25.29 -0.43
C ALA K 28 8.55 23.81 -0.73
N GLY K 29 7.80 23.49 -1.80
CA GLY K 29 7.56 22.09 -2.12
C GLY K 29 8.81 21.35 -2.53
N LYS K 30 9.71 22.03 -3.26
CA LYS K 30 10.93 21.36 -3.73
C LYS K 30 11.91 21.14 -2.59
N ILE K 31 12.09 22.15 -1.72
CA ILE K 31 13.04 22.02 -0.63
C ILE K 31 12.58 20.95 0.36
N THR K 32 11.27 20.87 0.61
CA THR K 32 10.75 19.85 1.51
C THR K 32 11.01 18.44 0.96
N GLY K 33 10.84 18.26 -0.35
CA GLY K 33 11.13 16.97 -0.95
C GLY K 33 12.60 16.63 -0.92
N MET K 34 13.46 17.63 -1.16
CA MET K 34 14.90 17.40 -1.13
C MET K 34 15.39 17.10 0.29
N LEU K 35 14.89 17.85 1.27
CA LEU K 35 15.34 17.64 2.65
C LEU K 35 14.93 16.28 3.18
N LEU K 36 13.80 15.74 2.69
CA LEU K 36 13.35 14.43 3.14
C LEU K 36 14.25 13.30 2.66
N GLU K 37 15.14 13.56 1.71
CA GLU K 37 16.03 12.52 1.21
C GLU K 37 17.16 12.22 2.19
N ILE K 38 17.53 13.18 3.03
CA ILE K 38 18.62 13.00 3.99
C ILE K 38 18.13 12.11 5.12
N ASP K 39 19.03 11.75 6.04
CA ASP K 39 18.67 10.85 7.12
C ASP K 39 17.62 11.47 8.03
N ASN K 40 16.77 10.62 8.59
CA ASN K 40 15.70 11.09 9.46
C ASN K 40 16.24 11.64 10.77
N SER K 41 17.40 11.16 11.21
CA SER K 41 17.98 11.65 12.46
C SER K 41 18.35 13.14 12.34
N GLU K 42 18.91 13.54 11.20
CA GLU K 42 19.22 14.95 10.99
C GLU K 42 17.96 15.79 10.83
N LEU K 43 16.92 15.22 10.23
CA LEU K 43 15.67 15.96 10.05
C LEU K 43 15.01 16.28 11.38
N LEU K 44 15.01 15.32 12.30
CA LEU K 44 14.45 15.57 13.63
C LEU K 44 15.28 16.59 14.39
N HIS K 45 16.59 16.64 14.16
CA HIS K 45 17.43 17.64 14.79
C HIS K 45 17.18 19.02 14.20
N MET K 46 16.92 19.08 12.89
CA MET K 46 16.66 20.36 12.25
C MET K 46 15.33 20.97 12.70
N LEU K 47 14.37 20.13 13.10
CA LEU K 47 13.10 20.65 13.58
C LEU K 47 13.24 21.27 14.97
N GLU K 48 14.20 20.80 15.77
CA GLU K 48 14.39 21.35 17.10
C GLU K 48 15.27 22.60 17.06
N SER K 49 16.31 22.59 16.25
CA SER K 49 17.22 23.73 16.16
C SER K 49 16.80 24.63 15.02
N PRO K 50 16.34 25.86 15.29
CA PRO K 50 15.94 26.75 14.18
C PRO K 50 17.09 27.18 13.31
N GLU K 51 18.33 27.14 13.80
CA GLU K 51 19.48 27.58 13.01
C GLU K 51 19.91 26.53 12.00
N SER K 52 19.88 25.25 12.38
CA SER K 52 20.31 24.19 11.47
C SER K 52 19.33 24.02 10.32
N LEU K 53 18.05 24.33 10.53
CA LEU K 53 17.07 24.19 9.47
C LEU K 53 17.19 25.30 8.43
N ARG K 54 17.40 26.55 8.89
CA ARG K 54 17.54 27.66 7.96
C ARG K 54 18.78 27.50 7.08
N SER K 55 19.87 26.97 7.66
CA SER K 55 21.09 26.80 6.89
C SER K 55 20.93 25.73 5.81
N LYS K 56 20.21 24.65 6.12
CA LYS K 56 20.04 23.58 5.14
C LYS K 56 19.12 24.01 4.01
N VAL K 57 18.10 24.83 4.31
CA VAL K 57 17.21 25.32 3.27
C VAL K 57 17.94 26.26 2.33
N ASP K 58 18.75 27.18 2.89
CA ASP K 58 19.53 28.08 2.05
C ASP K 58 20.54 27.31 1.20
N GLU K 59 21.07 26.21 1.71
CA GLU K 59 21.94 25.35 0.90
C GLU K 59 21.15 24.62 -0.17
N ALA K 60 19.89 24.26 0.13
CA ALA K 60 19.07 23.57 -0.85
C ALA K 60 18.63 24.50 -1.97
N VAL K 61 18.36 25.77 -1.65
CA VAL K 61 17.94 26.73 -2.66
C VAL K 61 19.05 26.95 -3.69
N ALA K 62 20.31 26.93 -3.23
CA ALA K 62 21.42 27.07 -4.16
C ALA K 62 21.57 25.86 -5.07
N VAL K 63 21.17 24.67 -4.59
CA VAL K 63 21.26 23.47 -5.41
C VAL K 63 20.32 23.56 -6.60
N LEU K 64 19.08 23.99 -6.37
CA LEU K 64 18.15 24.18 -7.48
C LEU K 64 18.58 25.35 -8.36
N GLN K 65 19.14 26.40 -7.75
CA GLN K 65 19.59 27.55 -8.51
C GLN K 65 20.76 27.20 -9.41
N ALA K 66 21.68 26.37 -8.93
CA ALA K 66 22.81 25.96 -9.75
C ALA K 66 22.39 25.00 -10.86
N HIS K 67 21.44 24.11 -10.56
CA HIS K 67 20.98 23.16 -11.56
C HIS K 67 20.08 23.82 -12.61
N GLN K 68 19.31 24.83 -12.22
CA GLN K 68 18.47 25.54 -13.19
C GLN K 68 19.31 26.26 -14.22
N ALA K 69 20.47 26.79 -13.81
CA ALA K 69 21.38 27.42 -14.76
C ALA K 69 22.03 26.38 -15.66
N LYS K 70 22.39 25.22 -15.10
CA LYS K 70 22.98 24.15 -15.89
C LYS K 70 21.98 23.58 -16.89
N GLU K 71 20.72 23.44 -16.49
CA GLU K 71 19.70 22.92 -17.40
C GLU K 71 19.40 23.91 -18.51
N ALA K 72 19.23 25.19 -18.16
CA ALA K 72 18.86 26.19 -19.15
C ALA K 72 20.02 26.59 -20.05
N ALA K 73 21.25 26.24 -19.69
CA ALA K 73 22.40 26.60 -20.53
C ALA K 73 22.46 25.76 -21.79
N GLN K 74 22.38 24.44 -21.64
CA GLN K 74 22.43 23.53 -22.79
C GLN K 74 21.15 23.63 -23.62
N ASN L 2 24.43 15.90 0.11
CA ASN L 2 23.99 16.51 -1.14
C ASN L 2 22.49 16.33 -1.33
N LEU L 3 21.91 17.14 -2.22
CA LEU L 3 20.48 17.09 -2.51
C LEU L 3 20.27 16.99 -4.01
N ASN L 4 19.25 16.23 -4.40
CA ASN L 4 18.95 16.02 -5.82
C ASN L 4 18.01 17.12 -6.30
N PRO L 5 18.38 17.89 -7.32
CA PRO L 5 17.47 18.93 -7.82
C PRO L 5 16.19 18.39 -8.42
N ASN L 6 16.25 17.23 -9.06
CA ASN L 6 15.06 16.63 -9.66
C ASN L 6 14.28 15.82 -8.66
N ALA L 7 14.41 16.14 -7.37
CA ALA L 7 13.67 15.43 -6.34
C ALA L 7 12.18 15.73 -6.44
N PRO L 8 11.32 14.76 -6.14
CA PRO L 8 9.88 14.99 -6.22
C PRO L 8 9.41 16.01 -5.18
N GLU L 9 8.47 16.85 -5.60
CA GLU L 9 7.94 17.89 -4.72
C GLU L 9 7.02 17.30 -3.67
N PHE L 10 7.10 17.83 -2.45
CA PHE L 10 6.24 17.41 -1.36
C PHE L 10 4.93 18.17 -1.42
N HIS L 11 3.82 17.44 -1.38
CA HIS L 11 2.48 18.02 -1.43
C HIS L 11 1.68 17.59 -0.22
N PRO L 12 1.15 18.52 0.58
CA PRO L 12 0.30 18.13 1.71
C PRO L 12 -1.01 17.53 1.25
N GLY L 13 -1.47 16.52 2.00
CA GLY L 13 -2.69 15.83 1.70
C GLY L 13 -2.54 14.61 0.82
N VAL L 14 -1.38 14.40 0.23
CA VAL L 14 -1.10 13.21 -0.58
C VAL L 14 0.25 12.68 -0.13
N PRO L 15 0.45 11.36 -0.05
CA PRO L 15 1.75 10.84 0.38
C PRO L 15 2.85 11.16 -0.62
N TRP L 16 3.99 11.61 -0.09
CA TRP L 16 5.14 11.93 -0.90
C TRP L 16 5.97 10.67 -1.14
N LYS L 17 6.34 10.44 -2.39
CA LYS L 17 7.14 9.28 -2.74
C LYS L 17 8.60 9.67 -2.97
N GLY L 18 9.48 8.68 -2.85
CA GLY L 18 10.90 8.91 -3.04
C GLY L 18 11.77 8.16 -2.05
N LEU M 3 -25.39 0.96 39.82
CA LEU M 3 -24.33 0.08 40.29
C LEU M 3 -24.82 -1.35 40.41
N GLY M 4 -26.14 -1.52 40.54
CA GLY M 4 -26.71 -2.85 40.62
C GLY M 4 -26.56 -3.64 39.34
N SER M 5 -26.79 -2.99 38.19
CA SER M 5 -26.60 -3.65 36.91
C SER M 5 -25.12 -3.94 36.64
N GLN M 6 -24.23 -3.11 37.17
CA GLN M 6 -22.80 -3.37 37.02
C GLN M 6 -22.38 -4.60 37.82
N GLU M 7 -22.92 -4.74 39.04
CA GLU M 7 -22.63 -5.94 39.82
C GLU M 7 -23.28 -7.18 39.18
N GLN M 8 -24.46 -7.00 38.58
CA GLN M 8 -25.11 -8.10 37.89
C GLN M 8 -24.31 -8.54 36.67
N LYS M 9 -23.71 -7.57 35.96
CA LYS M 9 -22.87 -7.90 34.81
C LYS M 9 -21.58 -8.58 35.26
N GLN M 10 -21.07 -8.24 36.44
CA GLN M 10 -19.85 -8.87 36.93
C GLN M 10 -20.07 -10.35 37.19
N MET M 11 -21.19 -10.71 37.84
CA MET M 11 -21.45 -12.11 38.12
C MET M 11 -21.62 -12.91 36.84
N LEU M 12 -22.24 -12.30 35.82
CA LEU M 12 -22.32 -12.93 34.51
C LEU M 12 -20.93 -13.08 33.89
N GLY M 13 -20.06 -12.10 34.11
CA GLY M 13 -18.68 -12.22 33.65
C GLY M 13 -17.88 -13.28 34.39
N GLU M 14 -18.17 -13.48 35.68
CA GLU M 14 -17.43 -14.46 36.46
C GLU M 14 -17.70 -15.90 36.00
N ARG M 15 -18.88 -16.16 35.45
CA ARG M 15 -19.16 -17.49 34.92
C ARG M 15 -18.60 -17.68 33.50
N LEU M 16 -18.56 -16.61 32.71
CA LEU M 16 -18.10 -16.74 31.32
C LEU M 16 -16.60 -16.98 31.23
N PHE M 17 -15.83 -16.41 32.15
CA PHE M 17 -14.37 -16.50 32.06
C PHE M 17 -13.86 -17.94 32.13
N PRO M 18 -14.27 -18.78 33.10
CA PRO M 18 -13.74 -20.16 33.13
C PRO M 18 -14.04 -20.96 31.88
N LEU M 19 -15.24 -20.85 31.32
CA LEU M 19 -15.57 -21.62 30.12
C LEU M 19 -14.74 -21.16 28.92
N ILE M 20 -14.53 -19.85 28.79
CA ILE M 20 -13.69 -19.35 27.71
C ILE M 20 -12.24 -19.70 27.97
N GLN M 21 -11.82 -19.67 29.24
CA GLN M 21 -10.46 -20.05 29.59
C GLN M 21 -10.18 -21.52 29.28
N ALA M 22 -11.19 -22.38 29.42
CA ALA M 22 -10.99 -23.78 29.05
C ALA M 22 -10.84 -23.92 27.55
N MET M 23 -11.57 -23.12 26.77
CA MET M 23 -11.44 -23.15 25.32
C MET M 23 -10.21 -22.37 24.86
N HIS M 24 -10.17 -21.07 25.16
CA HIS M 24 -9.09 -20.19 24.74
C HIS M 24 -8.44 -19.58 25.98
N PRO M 25 -7.47 -20.27 26.59
CA PRO M 25 -6.87 -19.74 27.83
C PRO M 25 -6.06 -18.48 27.62
N THR M 26 -5.41 -18.33 26.47
CA THR M 26 -4.51 -17.20 26.26
C THR M 26 -5.27 -15.88 26.16
N LEU M 27 -6.36 -15.85 25.41
CA LEU M 27 -7.14 -14.64 25.19
C LEU M 27 -8.49 -14.70 25.88
N ALA M 28 -8.56 -15.42 27.02
CA ALA M 28 -9.84 -15.55 27.73
C ALA M 28 -10.31 -14.21 28.27
N GLY M 29 -9.39 -13.40 28.78
CA GLY M 29 -9.79 -12.12 29.37
C GLY M 29 -10.35 -11.15 28.36
N LYS M 30 -9.78 -11.10 27.15
CA LYS M 30 -10.25 -10.16 26.15
C LYS M 30 -11.58 -10.60 25.56
N ILE M 31 -11.73 -11.90 25.27
CA ILE M 31 -12.98 -12.40 24.71
C ILE M 31 -14.12 -12.25 25.70
N THR M 32 -13.86 -12.49 26.99
CA THR M 32 -14.90 -12.33 28.01
C THR M 32 -15.34 -10.88 28.11
N GLY M 33 -14.40 -9.93 28.00
CA GLY M 33 -14.76 -8.53 28.05
C GLY M 33 -15.61 -8.10 26.86
N MET M 34 -15.33 -8.66 25.68
CA MET M 34 -16.11 -8.30 24.49
C MET M 34 -17.54 -8.83 24.60
N LEU M 35 -17.70 -10.08 25.04
CA LEU M 35 -19.04 -10.64 25.16
C LEU M 35 -19.84 -9.95 26.25
N LEU M 36 -19.17 -9.45 27.30
CA LEU M 36 -19.84 -8.78 28.40
C LEU M 36 -20.41 -7.42 28.01
N GLU M 37 -20.05 -6.89 26.85
CA GLU M 37 -20.55 -5.58 26.42
C GLU M 37 -21.99 -5.63 25.96
N ILE M 38 -22.47 -6.79 25.48
CA ILE M 38 -23.82 -6.93 24.98
C ILE M 38 -24.80 -6.92 26.14
N ASP M 39 -26.10 -6.95 25.82
CA ASP M 39 -27.13 -6.87 26.85
C ASP M 39 -27.07 -8.11 27.75
N ASN M 40 -27.47 -7.92 29.02
CA ASN M 40 -27.44 -9.02 29.97
C ASN M 40 -28.45 -10.10 29.62
N SER M 41 -29.54 -9.73 28.94
CA SER M 41 -30.54 -10.72 28.56
C SER M 41 -29.96 -11.72 27.56
N GLU M 42 -29.17 -11.24 26.60
CA GLU M 42 -28.54 -12.14 25.64
C GLU M 42 -27.46 -12.99 26.29
N LEU M 43 -26.76 -12.44 27.29
CA LEU M 43 -25.70 -13.21 27.96
C LEU M 43 -26.29 -14.39 28.72
N LEU M 44 -27.42 -14.20 29.39
CA LEU M 44 -28.06 -15.32 30.09
C LEU M 44 -28.58 -16.36 29.12
N HIS M 45 -29.00 -15.95 27.92
CA HIS M 45 -29.46 -16.92 26.92
C HIS M 45 -28.31 -17.72 26.37
N MET M 46 -27.15 -17.08 26.15
CA MET M 46 -25.99 -17.79 25.64
C MET M 46 -25.43 -18.76 26.67
N LEU M 47 -25.58 -18.44 27.96
CA LEU M 47 -25.08 -19.33 29.01
C LEU M 47 -25.96 -20.57 29.15
N GLU M 48 -27.24 -20.46 28.82
CA GLU M 48 -28.16 -21.60 28.92
C GLU M 48 -28.09 -22.45 27.67
N LEU M 53 -23.33 -20.03 22.69
CA LEU M 53 -22.21 -19.35 23.33
C LEU M 53 -20.92 -19.58 22.55
N ARG M 54 -20.71 -20.82 22.10
CA ARG M 54 -19.51 -21.14 21.33
C ARG M 54 -19.48 -20.37 20.01
N SER M 55 -20.64 -20.19 19.38
CA SER M 55 -20.69 -19.46 18.12
C SER M 55 -20.39 -17.97 18.33
N LYS M 56 -20.88 -17.41 19.43
CA LYS M 56 -20.61 -16.00 19.70
C LYS M 56 -19.16 -15.78 20.09
N VAL M 57 -18.56 -16.73 20.81
CA VAL M 57 -17.15 -16.61 21.17
C VAL M 57 -16.28 -16.74 19.93
N ASP M 58 -16.59 -17.71 19.06
CA ASP M 58 -15.85 -17.86 17.81
C ASP M 58 -16.00 -16.62 16.93
N GLU M 59 -17.14 -15.94 17.00
CA GLU M 59 -17.30 -14.68 16.29
C GLU M 59 -16.44 -13.59 16.92
N ALA M 60 -16.24 -13.64 18.23
CA ALA M 60 -15.41 -12.63 18.90
C ALA M 60 -13.94 -12.82 18.56
N VAL M 61 -13.50 -14.08 18.43
CA VAL M 61 -12.10 -14.35 18.08
C VAL M 61 -11.81 -13.85 16.67
N ALA M 62 -12.78 -13.97 15.76
CA ALA M 62 -12.58 -13.49 14.39
C ALA M 62 -12.51 -11.97 14.33
N VAL M 63 -13.22 -11.29 15.24
CA VAL M 63 -13.16 -9.83 15.26
C VAL M 63 -11.77 -9.36 15.66
N LEU M 64 -11.17 -10.01 16.67
CA LEU M 64 -9.81 -9.66 17.07
C LEU M 64 -8.79 -10.01 15.98
N GLN M 65 -9.04 -11.10 15.26
CA GLN M 65 -8.13 -11.52 14.19
C GLN M 65 -8.13 -10.54 13.03
N ALA M 66 -9.28 -9.94 12.72
CA ALA M 66 -9.34 -9.02 11.58
C ALA M 66 -8.56 -7.74 11.85
N HIS M 67 -8.58 -7.24 13.09
CA HIS M 67 -7.83 -6.04 13.41
C HIS M 67 -6.34 -6.31 13.51
N GLN M 68 -5.95 -7.51 13.97
CA GLN M 68 -4.54 -7.84 14.02
C GLN M 68 -3.92 -7.92 12.63
N ALA M 69 -4.69 -8.38 11.65
CA ALA M 69 -4.19 -8.40 10.27
C ALA M 69 -4.12 -6.99 9.70
N LYS M 70 -5.10 -6.14 10.03
CA LYS M 70 -5.06 -4.76 9.57
C LYS M 70 -3.91 -3.98 10.21
N GLU M 71 -3.65 -4.23 11.48
CA GLU M 71 -2.55 -3.58 12.18
C GLU M 71 -1.21 -4.07 11.67
N LEU N 3 -19.25 -6.76 17.35
CA LEU N 3 -18.36 -6.83 18.51
C LEU N 3 -17.21 -5.85 18.36
N ASN N 4 -16.81 -5.24 19.48
CA ASN N 4 -15.74 -4.25 19.46
C ASN N 4 -14.40 -4.95 19.70
N PRO N 5 -13.45 -4.88 18.76
CA PRO N 5 -12.14 -5.52 19.00
C PRO N 5 -11.35 -4.85 20.10
N ASN N 6 -11.46 -3.53 20.25
CA ASN N 6 -10.75 -2.80 21.29
C ASN N 6 -11.48 -2.81 22.63
N ALA N 7 -12.31 -3.83 22.87
CA ALA N 7 -13.04 -3.91 24.12
C ALA N 7 -12.07 -4.18 25.27
N PRO N 8 -12.34 -3.62 26.45
CA PRO N 8 -11.43 -3.84 27.59
C PRO N 8 -11.43 -5.31 28.01
N GLU N 9 -10.24 -5.78 28.40
CA GLU N 9 -10.09 -7.17 28.80
C GLU N 9 -10.71 -7.41 30.17
N PHE N 10 -11.35 -8.56 30.33
CA PHE N 10 -11.96 -8.95 31.59
C PHE N 10 -10.91 -9.64 32.46
N HIS N 11 -10.79 -9.20 33.70
CA HIS N 11 -9.81 -9.76 34.63
C HIS N 11 -10.54 -10.25 35.87
N PRO N 12 -10.43 -11.53 36.24
CA PRO N 12 -11.07 -12.00 37.48
C PRO N 12 -10.38 -11.38 38.70
N GLY N 13 -11.19 -11.01 39.68
CA GLY N 13 -10.67 -10.41 40.88
C GLY N 13 -10.56 -8.90 40.84
N VAL N 14 -10.80 -8.28 39.68
CA VAL N 14 -10.70 -6.83 39.54
C VAL N 14 -11.96 -6.33 38.83
N PRO N 15 -12.48 -5.17 39.22
CA PRO N 15 -13.68 -4.65 38.54
C PRO N 15 -13.40 -4.34 37.08
N TRP N 16 -14.38 -4.65 36.22
CA TRP N 16 -14.24 -4.44 34.79
C TRP N 16 -14.50 -2.99 34.44
N LYS N 17 -13.62 -2.41 33.64
CA LYS N 17 -13.74 -1.03 33.19
C LYS N 17 -14.22 -0.97 31.75
N GLY N 18 -14.78 0.17 31.38
CA GLY N 18 -15.27 0.38 30.03
C GLY N 18 -16.59 1.13 29.98
N PRO O 2 -16.94 -23.96 -35.61
CA PRO O 2 -15.86 -23.63 -36.54
C PRO O 2 -16.06 -22.28 -37.22
N LEU O 3 -15.85 -22.22 -38.53
CA LEU O 3 -16.07 -20.98 -39.26
C LEU O 3 -17.54 -20.61 -39.32
N GLY O 4 -18.43 -21.61 -39.32
CA GLY O 4 -19.85 -21.32 -39.32
C GLY O 4 -20.32 -20.75 -37.99
N SER O 5 -19.82 -21.30 -36.88
CA SER O 5 -20.16 -20.76 -35.57
C SER O 5 -19.51 -19.40 -35.34
N GLN O 6 -18.32 -19.17 -35.91
CA GLN O 6 -17.70 -17.86 -35.80
C GLN O 6 -18.48 -16.81 -36.58
N GLU O 7 -18.98 -17.17 -37.76
CA GLU O 7 -19.82 -16.26 -38.53
C GLU O 7 -21.18 -16.07 -37.87
N GLN O 8 -21.68 -17.09 -37.18
CA GLN O 8 -22.94 -16.97 -36.47
C GLN O 8 -22.78 -16.17 -35.17
N LYS O 9 -21.64 -16.29 -34.51
CA LYS O 9 -21.40 -15.50 -33.30
C LYS O 9 -21.25 -14.02 -33.62
N GLN O 10 -20.62 -13.71 -34.76
CA GLN O 10 -20.49 -12.32 -35.16
C GLN O 10 -21.83 -11.72 -35.57
N MET O 11 -22.75 -12.55 -36.05
CA MET O 11 -24.09 -12.06 -36.38
C MET O 11 -24.84 -11.61 -35.14
N LEU O 12 -24.56 -12.23 -33.98
CA LEU O 12 -25.16 -11.78 -32.74
C LEU O 12 -24.48 -10.53 -32.19
N GLY O 13 -23.19 -10.35 -32.49
CA GLY O 13 -22.49 -9.15 -32.06
C GLY O 13 -22.83 -7.91 -32.88
N GLU O 14 -23.25 -8.08 -34.12
CA GLU O 14 -23.68 -6.96 -34.95
C GLU O 14 -25.00 -6.36 -34.50
N ARG O 15 -25.75 -7.06 -33.65
CA ARG O 15 -26.99 -6.53 -33.09
C ARG O 15 -26.82 -6.02 -31.65
N LEU O 16 -25.86 -6.58 -30.91
CA LEU O 16 -25.60 -6.11 -29.57
C LEU O 16 -24.80 -4.82 -29.54
N PHE O 17 -24.13 -4.47 -30.65
CA PHE O 17 -23.37 -3.22 -30.68
C PHE O 17 -24.26 -2.00 -30.77
N PRO O 18 -25.25 -1.92 -31.67
CA PRO O 18 -26.12 -0.73 -31.69
C PRO O 18 -26.97 -0.60 -30.44
N LEU O 19 -27.40 -1.71 -29.84
CA LEU O 19 -28.16 -1.64 -28.60
C LEU O 19 -27.31 -1.10 -27.46
N ILE O 20 -26.02 -1.42 -27.44
CA ILE O 20 -25.13 -0.88 -26.43
C ILE O 20 -24.68 0.53 -26.81
N GLN O 21 -24.59 0.84 -28.10
CA GLN O 21 -24.18 2.17 -28.52
C GLN O 21 -25.24 3.21 -28.15
N ALA O 22 -26.51 2.83 -28.12
CA ALA O 22 -27.56 3.74 -27.68
C ALA O 22 -27.54 3.94 -26.18
N MET O 23 -26.99 2.99 -25.43
CA MET O 23 -26.91 3.09 -23.98
C MET O 23 -25.52 3.45 -23.49
N HIS O 24 -24.47 2.86 -24.06
CA HIS O 24 -23.08 3.17 -23.71
C HIS O 24 -22.33 3.51 -25.00
N PRO O 25 -22.54 4.71 -25.54
CA PRO O 25 -21.86 5.07 -26.80
C PRO O 25 -20.35 5.16 -26.69
N THR O 26 -19.81 5.36 -25.48
CA THR O 26 -18.36 5.49 -25.34
C THR O 26 -17.67 4.13 -25.31
N LEU O 27 -18.13 3.23 -24.44
CA LEU O 27 -17.53 1.91 -24.29
C LEU O 27 -18.37 0.82 -24.96
N ALA O 28 -19.01 1.14 -26.09
CA ALA O 28 -19.85 0.15 -26.77
C ALA O 28 -19.02 -1.01 -27.30
N GLY O 29 -17.76 -0.76 -27.66
CA GLY O 29 -16.91 -1.80 -28.21
C GLY O 29 -16.43 -2.80 -27.19
N LYS O 30 -16.06 -2.32 -26.00
CA LYS O 30 -15.54 -3.21 -24.98
C LYS O 30 -16.64 -4.07 -24.35
N ILE O 31 -17.84 -3.50 -24.19
CA ILE O 31 -18.92 -4.25 -23.56
C ILE O 31 -19.49 -5.29 -24.52
N THR O 32 -19.55 -4.96 -25.82
CA THR O 32 -20.06 -5.92 -26.79
C THR O 32 -19.13 -7.13 -26.91
N GLY O 33 -17.82 -6.92 -26.76
CA GLY O 33 -16.89 -8.04 -26.82
C GLY O 33 -16.95 -8.94 -25.60
N MET O 34 -17.27 -8.37 -24.43
CA MET O 34 -17.39 -9.18 -23.22
C MET O 34 -18.63 -10.06 -23.27
N LEU O 35 -19.76 -9.51 -23.73
CA LEU O 35 -20.98 -10.30 -23.84
C LEU O 35 -20.87 -11.36 -24.93
N LEU O 36 -20.05 -11.11 -25.96
CA LEU O 36 -19.90 -12.06 -27.04
C LEU O 36 -19.11 -13.30 -26.62
N GLU O 37 -18.37 -13.23 -25.51
CA GLU O 37 -17.57 -14.36 -25.07
C GLU O 37 -18.41 -15.48 -24.48
N ILE O 38 -19.61 -15.17 -24.01
CA ILE O 38 -20.49 -16.18 -23.42
C ILE O 38 -21.13 -17.00 -24.53
N ASP O 39 -21.88 -18.04 -24.15
CA ASP O 39 -22.49 -18.92 -25.13
C ASP O 39 -23.55 -18.18 -25.95
N ASN O 40 -23.72 -18.63 -27.20
CA ASN O 40 -24.70 -18.02 -28.08
C ASN O 40 -26.13 -18.32 -27.65
N SER O 41 -26.35 -19.40 -26.90
CA SER O 41 -27.69 -19.69 -26.41
C SER O 41 -28.14 -18.65 -25.39
N GLU O 42 -27.24 -18.25 -24.50
CA GLU O 42 -27.57 -17.17 -23.56
C GLU O 42 -27.59 -15.82 -24.25
N LEU O 43 -26.84 -15.67 -25.35
CA LEU O 43 -26.87 -14.41 -26.10
C LEU O 43 -28.21 -14.24 -26.81
N LEU O 44 -28.71 -15.29 -27.45
CA LEU O 44 -30.02 -15.22 -28.09
C LEU O 44 -31.13 -15.08 -27.07
N HIS O 45 -30.91 -15.56 -25.84
CA HIS O 45 -31.90 -15.38 -24.78
C HIS O 45 -31.98 -13.92 -24.35
N MET O 46 -30.82 -13.27 -24.16
CA MET O 46 -30.82 -11.86 -23.81
C MET O 46 -31.23 -11.00 -25.00
N LEU O 47 -30.97 -11.46 -26.22
CA LEU O 47 -31.38 -10.71 -27.40
C LEU O 47 -32.89 -10.66 -27.57
N GLU O 48 -33.61 -11.62 -27.00
CA GLU O 48 -35.07 -11.63 -27.06
C GLU O 48 -35.72 -10.98 -25.85
N SER O 49 -35.04 -11.00 -24.71
CA SER O 49 -35.56 -10.40 -23.48
C SER O 49 -34.75 -9.14 -23.15
N PRO O 50 -35.30 -7.94 -23.39
CA PRO O 50 -34.62 -6.66 -23.11
C PRO O 50 -34.32 -6.47 -21.63
N LEU O 53 -30.94 -8.50 -20.83
CA LEU O 53 -29.89 -7.88 -21.65
C LEU O 53 -29.34 -6.63 -20.97
N ARG O 54 -30.24 -5.76 -20.52
CA ARG O 54 -29.80 -4.54 -19.84
C ARG O 54 -29.10 -4.86 -18.53
N SER O 55 -29.55 -5.90 -17.82
CA SER O 55 -28.88 -6.30 -16.59
C SER O 55 -27.54 -6.96 -16.88
N LYS O 56 -27.46 -7.74 -17.97
CA LYS O 56 -26.19 -8.36 -18.34
C LYS O 56 -25.18 -7.32 -18.82
N VAL O 57 -25.66 -6.26 -19.48
CA VAL O 57 -24.76 -5.21 -19.93
C VAL O 57 -24.31 -4.35 -18.76
N ASP O 58 -25.24 -3.99 -17.87
CA ASP O 58 -24.88 -3.23 -16.68
C ASP O 58 -23.93 -4.02 -15.78
N GLU O 59 -24.05 -5.34 -15.78
CA GLU O 59 -23.10 -6.16 -15.04
C GLU O 59 -21.73 -6.21 -15.71
N ALA O 60 -21.67 -5.92 -17.02
CA ALA O 60 -20.39 -5.89 -17.72
C ALA O 60 -19.65 -4.58 -17.50
N VAL O 61 -20.36 -3.47 -17.35
CA VAL O 61 -19.71 -2.20 -17.07
C VAL O 61 -19.04 -2.22 -15.70
N ALA O 62 -19.66 -2.90 -14.73
CA ALA O 62 -19.04 -3.06 -13.43
C ALA O 62 -17.79 -3.93 -13.50
N VAL O 63 -17.76 -4.89 -14.42
CA VAL O 63 -16.57 -5.72 -14.60
C VAL O 63 -15.43 -4.88 -15.17
N LEU O 64 -15.72 -4.01 -16.13
CA LEU O 64 -14.73 -3.12 -16.70
C LEU O 64 -14.24 -2.09 -15.67
N LEU P 3 -17.30 -12.36 -16.27
CA LEU P 3 -16.89 -11.64 -17.48
C LEU P 3 -15.42 -11.23 -17.39
N ASN P 4 -14.73 -11.30 -18.52
CA ASN P 4 -13.31 -10.97 -18.58
C ASN P 4 -13.14 -9.48 -18.88
N PRO P 5 -12.49 -8.71 -18.00
CA PRO P 5 -12.30 -7.28 -18.31
C PRO P 5 -11.37 -7.04 -19.48
N ASN P 6 -10.36 -7.88 -19.68
CA ASN P 6 -9.42 -7.73 -20.78
C ASN P 6 -9.94 -8.38 -22.07
N ALA P 7 -11.25 -8.48 -22.22
CA ALA P 7 -11.81 -9.05 -23.43
C ALA P 7 -11.58 -8.11 -24.61
N PRO P 8 -11.36 -8.66 -25.81
CA PRO P 8 -11.12 -7.80 -26.98
C PRO P 8 -12.36 -6.99 -27.32
N GLU P 9 -12.13 -5.74 -27.71
CA GLU P 9 -13.23 -4.85 -28.05
C GLU P 9 -13.86 -5.22 -29.37
N PHE P 10 -15.18 -5.13 -29.44
CA PHE P 10 -15.92 -5.41 -30.66
C PHE P 10 -15.99 -4.15 -31.51
N HIS P 11 -15.61 -4.29 -32.78
CA HIS P 11 -15.63 -3.17 -33.72
C HIS P 11 -16.46 -3.55 -34.93
N PRO P 12 -17.49 -2.78 -35.30
CA PRO P 12 -18.26 -3.11 -36.50
C PRO P 12 -17.43 -2.95 -37.76
N GLY P 13 -17.64 -3.86 -38.71
CA GLY P 13 -16.93 -3.84 -39.97
C GLY P 13 -15.66 -4.67 -40.00
N VAL P 14 -15.21 -5.20 -38.87
CA VAL P 14 -14.01 -6.02 -38.83
C VAL P 14 -14.30 -7.31 -38.05
N PRO P 15 -13.70 -8.43 -38.44
CA PRO P 15 -13.93 -9.68 -37.71
C PRO P 15 -13.45 -9.58 -36.27
N TRP P 16 -14.22 -10.18 -35.36
CA TRP P 16 -13.90 -10.12 -33.94
C TRP P 16 -12.83 -11.15 -33.60
N LYS P 17 -11.80 -10.71 -32.88
CA LYS P 17 -10.69 -11.55 -32.47
C LYS P 17 -10.81 -11.91 -31.00
N GLY P 18 -10.13 -13.00 -30.63
CA GLY P 18 -10.14 -13.47 -29.26
C GLY P 18 -10.22 -14.99 -29.15
S SO4 Q . -6.79 24.74 13.13
O1 SO4 Q . -7.58 24.68 11.91
O2 SO4 Q . -6.43 26.12 13.43
O3 SO4 Q . -5.56 23.96 12.95
O4 SO4 Q . -7.55 24.18 14.24
S SO4 R . 15.68 -19.78 -13.42
O1 SO4 R . 15.22 -18.40 -13.45
O2 SO4 R . 15.02 -20.52 -14.49
O3 SO4 R . 17.12 -19.82 -13.61
O4 SO4 R . 15.34 -20.38 -12.13
S SO4 S . -5.87 -22.57 22.35
O1 SO4 S . -7.13 -21.84 22.47
O2 SO4 S . -5.33 -22.37 21.00
O3 SO4 S . -4.92 -22.06 23.33
O4 SO4 S . -6.10 -23.99 22.57
S SO4 T . -23.65 7.52 -21.09
O1 SO4 T . -24.24 8.61 -21.87
O2 SO4 T . -23.05 6.54 -21.98
O3 SO4 T . -22.63 8.06 -20.21
O4 SO4 T . -24.70 6.89 -20.29
S SO4 U . 33.36 -8.66 0.23
O1 SO4 U . 32.01 -8.20 0.52
O2 SO4 U . 33.87 -7.97 -0.96
O3 SO4 U . 34.23 -8.38 1.37
O4 SO4 U . 33.34 -10.10 -0.03
S SO4 V . 11.36 32.68 -1.86
O1 SO4 V . 10.22 33.54 -1.51
O2 SO4 V . 12.00 33.21 -3.06
O3 SO4 V . 12.31 32.67 -0.75
O4 SO4 V . 10.89 31.32 -2.11
#